data_4GBD
#
_entry.id   4GBD
#
_cell.length_a   119.814
_cell.length_b   120.310
_cell.length_c   77.298
_cell.angle_alpha   90.000
_cell.angle_beta   108.000
_cell.angle_gamma   90.000
#
_symmetry.space_group_name_H-M   'C 1 2 1'
#
loop_
_entity.id
_entity.type
_entity.pdbx_description
1 polymer 'Putative uncharacterized protein'
2 non-polymer (8R)-3-(5-S-methyl-5-thio-beta-D-ribofuranosyl)-3,6,7,8-tetrahydroimidazo[4,5-d][1,3]diazepin-8-ol
3 non-polymer 'ZINC ION'
4 non-polymer 'PHOSPHATE ION'
5 water water
#
_entity_poly.entity_id   1
_entity_poly.type   'polypeptide(L)'
_entity_poly.pdbx_seq_one_letter_code
;MHHHHHHENLYFQGMPNVRNPFDLLLLPTWIVPVEPAGVVLRDHALGIRDGQIALVAPREQAMRHGATEIRELPGMLLAP
GLVNAHGHSAMSLFRGLADDLPLMTWLQDHIWPAEGQWVSEDFIRDGTELAIAEQVKGGITCFSDMYFYPQAICGVVHDS
GVRAQVAIPVLDFPIPGARDSAEAIRQGMALFDDLKHHPRIRIAFGPHAPYTVSDDKLEQILVLTEELDASIQMHVHETA
FEVEQAMERNGERPLARLHRLGLLGPRFQAVHMTQVDNDDLAMLVETNSSVIHCPESNLKLASGFCPVEKLWQAGVNVAI
GTDGAASNNDLDLLGETRTAALLAKAVYGQATALDAHRALRMATLNGARALGLERLIGSLEAGKAADLVAFDLSGLAQQP
VYDPVSQLIYASGRDCVRHVWVGGRQLLDDGRLLRHDEQRLIARAREWGAKIAASDRS
;
_entity_poly.pdbx_strand_id   A,B
#
loop_
_chem_comp.id
_chem_comp.type
_chem_comp.name
_chem_comp.formula
MCF non-polymer (8R)-3-(5-S-methyl-5-thio-beta-D-ribofuranosyl)-3,6,7,8-tetrahydroimidazo[4,5-d][1,3]diazepin-8-ol 'C12 H18 N4 O4 S'
PO4 non-polymer 'PHOSPHATE ION' 'O4 P -3'
ZN non-polymer 'ZINC ION' 'Zn 2'
#
# COMPACT_ATOMS: atom_id res chain seq x y z
N ASN A 20 40.46 12.31 14.51
CA ASN A 20 39.39 11.70 15.34
C ASN A 20 38.38 10.92 14.47
N PRO A 21 38.75 9.68 14.10
CA PRO A 21 37.95 8.82 13.22
C PRO A 21 36.49 8.61 13.70
N PHE A 22 35.59 8.32 12.77
CA PHE A 22 34.19 8.03 13.11
C PHE A 22 34.11 6.68 13.81
N ASP A 23 33.06 6.49 14.63
CA ASP A 23 32.72 5.17 15.14
C ASP A 23 32.28 4.27 14.00
N LEU A 24 31.49 4.82 13.08
CA LEU A 24 30.98 4.04 11.99
C LEU A 24 30.85 4.87 10.72
N LEU A 25 31.39 4.34 9.63
CA LEU A 25 31.28 5.01 8.36
C LEU A 25 30.33 4.22 7.42
N LEU A 26 29.21 4.84 7.01
CA LEU A 26 28.23 4.21 6.11
C LEU A 26 28.44 4.68 4.69
N LEU A 27 28.53 3.73 3.76
CA LEU A 27 28.78 4.04 2.34
C LEU A 27 27.66 3.57 1.38
N PRO A 28 26.53 4.28 1.36
CA PRO A 28 25.43 3.84 0.48
C PRO A 28 25.60 4.35 -0.93
N THR A 29 24.87 3.81 -1.90
CA THR A 29 24.80 4.43 -3.22
C THR A 29 24.18 5.85 -3.17
N TRP A 30 23.11 5.98 -2.39
CA TRP A 30 22.41 7.27 -2.29
C TRP A 30 22.21 7.67 -0.89
N ILE A 31 22.24 8.99 -0.68
CA ILE A 31 21.87 9.59 0.61
C ILE A 31 20.79 10.62 0.34
N VAL A 32 19.72 10.54 1.08
CA VAL A 32 18.74 11.63 1.02
C VAL A 32 18.65 12.30 2.40
N PRO A 33 19.19 13.55 2.50
CA PRO A 33 19.39 14.21 3.76
C PRO A 33 18.10 14.86 4.26
N VAL A 34 17.14 15.05 3.35
CA VAL A 34 15.83 15.63 3.63
C VAL A 34 15.91 17.15 3.75
N GLU A 35 16.95 17.62 4.45
CA GLU A 35 17.41 19.02 4.42
C GLU A 35 18.82 19.13 3.82
N PRO A 36 19.01 19.95 2.78
CA PRO A 36 17.97 20.70 2.06
C PRO A 36 17.05 19.78 1.27
N ALA A 37 15.84 20.28 1.04
CA ALA A 37 14.77 19.53 0.41
C ALA A 37 15.08 19.21 -1.03
N GLY A 38 14.70 18.02 -1.47
CA GLY A 38 14.70 17.68 -2.87
C GLY A 38 16.01 17.22 -3.43
N VAL A 39 17.00 16.97 -2.59
CA VAL A 39 18.33 16.55 -3.07
C VAL A 39 18.63 15.12 -2.69
N VAL A 40 19.43 14.47 -3.51
CA VAL A 40 19.88 13.12 -3.25
C VAL A 40 21.38 13.15 -3.58
N LEU A 41 22.20 12.61 -2.67
CA LEU A 41 23.64 12.53 -2.89
C LEU A 41 24.03 11.14 -3.38
N ARG A 42 24.84 11.11 -4.44
CA ARG A 42 25.35 9.87 -4.98
C ARG A 42 26.81 9.68 -4.61
N ASP A 43 27.16 8.46 -4.21
CA ASP A 43 28.56 8.13 -3.86
C ASP A 43 29.13 9.06 -2.77
N HIS A 44 28.31 9.33 -1.77
CA HIS A 44 28.73 10.08 -0.59
C HIS A 44 28.72 9.15 0.55
N ALA A 45 29.05 9.64 1.74
CA ALA A 45 29.21 8.76 2.88
C ALA A 45 28.73 9.52 4.09
N LEU A 46 28.26 8.78 5.10
CA LEU A 46 27.84 9.38 6.35
C LEU A 46 28.67 8.75 7.48
N GLY A 47 29.43 9.58 8.19
CA GLY A 47 30.23 9.13 9.32
C GLY A 47 29.47 9.42 10.61
N ILE A 48 29.39 8.41 11.49
CA ILE A 48 28.71 8.53 12.81
C ILE A 48 29.75 8.60 13.91
N ARG A 49 29.53 9.47 14.89
CA ARG A 49 30.43 9.49 16.05
C ARG A 49 29.66 9.87 17.27
N ASP A 50 29.92 9.16 18.36
CA ASP A 50 29.23 9.43 19.66
C ASP A 50 27.71 9.54 19.52
N GLY A 51 27.12 8.74 18.63
CA GLY A 51 25.66 8.64 18.49
C GLY A 51 25.09 9.75 17.61
N GLN A 52 25.99 10.56 17.05
CA GLN A 52 25.65 11.65 16.19
C GLN A 52 26.19 11.53 14.76
N ILE A 53 25.52 12.24 13.86
CA ILE A 53 26.02 12.44 12.50
C ILE A 53 27.20 13.39 12.57
N ALA A 54 28.38 12.89 12.22
CA ALA A 54 29.59 13.70 12.33
C ALA A 54 29.80 14.41 11.05
N LEU A 55 29.51 13.76 9.93
CA LEU A 55 29.83 14.33 8.66
C LEU A 55 29.08 13.60 7.57
N VAL A 56 28.66 14.36 6.56
CA VAL A 56 28.24 13.80 5.26
C VAL A 56 29.24 14.34 4.25
N ALA A 57 29.84 13.47 3.45
CA ALA A 57 30.92 13.91 2.54
C ALA A 57 31.09 12.95 1.34
N PRO A 58 31.71 13.42 0.25
CA PRO A 58 32.00 12.52 -0.86
C PRO A 58 32.77 11.32 -0.32
N ARG A 59 32.63 10.15 -0.96
CA ARG A 59 33.16 8.91 -0.36
C ARG A 59 34.68 8.96 -0.15
N GLU A 60 35.43 9.47 -1.13
CA GLU A 60 36.89 9.59 -0.98
C GLU A 60 37.28 10.36 0.30
N GLN A 61 36.75 11.56 0.45
CA GLN A 61 37.04 12.38 1.63
C GLN A 61 36.64 11.65 2.91
N ALA A 62 35.52 10.93 2.85
CA ALA A 62 35.00 10.36 4.09
C ALA A 62 35.92 9.21 4.50
N MET A 63 36.33 8.42 3.50
CA MET A 63 37.17 7.25 3.76
C MET A 63 38.56 7.65 4.25
N ARG A 64 39.04 8.83 3.80
CA ARG A 64 40.41 9.28 4.08
C ARG A 64 40.43 9.71 5.52
N HIS A 65 39.27 10.09 6.03
CA HIS A 65 39.17 10.51 7.42
C HIS A 65 39.43 9.40 8.42
N GLY A 66 38.97 8.20 8.14
CA GLY A 66 39.13 7.11 9.09
C GLY A 66 37.90 6.78 9.94
N ALA A 67 37.72 5.48 10.20
CA ALA A 67 36.60 5.00 11.01
C ALA A 67 36.97 3.68 11.64
N THR A 68 36.39 3.44 12.81
CA THR A 68 36.58 2.18 13.52
C THR A 68 35.90 1.03 12.75
N GLU A 69 34.79 1.35 12.07
CA GLU A 69 34.06 0.36 11.32
C GLU A 69 33.45 1.03 10.11
N ILE A 70 33.38 0.28 9.02
CA ILE A 70 32.99 0.79 7.73
C ILE A 70 31.94 -0.16 7.20
N ARG A 71 30.80 0.37 6.73
CA ARG A 71 29.78 -0.47 6.11
C ARG A 71 29.43 -0.02 4.70
N GLU A 72 29.79 -0.84 3.72
CA GLU A 72 29.37 -0.62 2.34
C GLU A 72 27.91 -0.95 2.16
N LEU A 73 27.16 -0.05 1.50
CA LEU A 73 25.72 -0.26 1.29
C LEU A 73 25.34 -0.12 -0.18
N PRO A 74 25.94 -0.95 -1.06
CA PRO A 74 25.69 -0.75 -2.49
C PRO A 74 24.21 -0.98 -2.84
N GLY A 75 23.67 -0.11 -3.67
CA GLY A 75 22.28 -0.25 -4.10
C GLY A 75 21.28 0.23 -3.02
N MET A 76 21.79 0.77 -1.93
CA MET A 76 20.92 1.23 -0.85
C MET A 76 20.83 2.75 -0.80
N LEU A 77 19.71 3.20 -0.25
CA LEU A 77 19.42 4.59 -0.07
C LEU A 77 19.35 4.83 1.46
N LEU A 78 20.13 5.78 1.95
CA LEU A 78 20.19 6.07 3.37
C LEU A 78 19.32 7.31 3.63
N ALA A 79 18.47 7.23 4.61
CA ALA A 79 17.55 8.32 4.89
C ALA A 79 17.49 8.53 6.42
N PRO A 80 16.92 9.66 6.90
CA PRO A 80 16.57 9.69 8.34
C PRO A 80 15.53 8.61 8.67
N GLY A 81 15.55 8.09 9.89
CA GLY A 81 14.67 7.00 10.26
C GLY A 81 13.27 7.56 10.13
N LEU A 82 12.28 6.70 9.95
CA LEU A 82 10.91 7.12 9.77
C LEU A 82 10.27 7.41 11.15
N VAL A 83 9.39 8.40 11.21
CA VAL A 83 8.78 8.82 12.43
C VAL A 83 7.29 8.56 12.36
N ASN A 84 6.86 7.55 13.10
CA ASN A 84 5.45 7.23 13.19
C ASN A 84 4.80 8.06 14.28
N ALA A 85 4.12 9.13 13.85
CA ALA A 85 3.63 10.13 14.77
C ALA A 85 2.30 9.91 15.47
N HIS A 86 1.61 8.80 15.23
CA HIS A 86 0.40 8.48 16.00
C HIS A 86 0.24 7.00 15.97
N GLY A 87 0.15 6.40 17.15
CA GLY A 87 -0.21 5.00 17.23
C GLY A 87 -0.78 4.59 18.57
N HIS A 88 -1.23 3.34 18.62
CA HIS A 88 -1.77 2.70 19.80
C HIS A 88 -1.13 1.36 19.84
N SER A 89 0.14 1.37 20.19
CA SER A 89 1.05 0.29 19.78
C SER A 89 0.61 -1.10 20.21
N ALA A 90 0.16 -1.24 21.46
CA ALA A 90 -0.23 -2.57 21.95
C ALA A 90 -1.52 -3.11 21.35
N MET A 91 -2.25 -2.28 20.61
CA MET A 91 -3.35 -2.82 19.83
C MET A 91 -2.90 -3.74 18.69
N SER A 92 -1.59 -3.94 18.56
CA SER A 92 -1.12 -5.01 17.69
C SER A 92 -1.72 -6.36 18.08
N LEU A 93 -2.12 -6.52 19.35
CA LEU A 93 -2.65 -7.81 19.80
C LEU A 93 -4.11 -7.96 19.43
N PHE A 94 -4.71 -6.87 18.94
CA PHE A 94 -6.08 -6.87 18.37
C PHE A 94 -6.05 -6.77 16.82
N ARG A 95 -4.91 -7.02 16.20
CA ARG A 95 -4.80 -6.96 14.74
C ARG A 95 -5.89 -7.72 14.01
N GLY A 96 -6.73 -7.00 13.28
CA GLY A 96 -7.80 -7.63 12.53
C GLY A 96 -8.98 -8.14 13.36
N LEU A 97 -9.11 -7.68 14.60
CA LEU A 97 -10.20 -8.14 15.50
C LEU A 97 -11.53 -7.41 15.24
N ALA A 98 -11.48 -6.17 14.78
CA ALA A 98 -12.71 -5.43 14.60
C ALA A 98 -12.74 -4.76 13.23
N ASP A 99 -12.91 -5.55 12.14
CA ASP A 99 -12.99 -4.98 10.78
C ASP A 99 -14.43 -4.51 10.42
N ASP A 100 -14.58 -3.68 9.38
CA ASP A 100 -15.90 -3.39 8.79
C ASP A 100 -16.83 -2.53 9.67
N LEU A 101 -16.26 -1.67 10.51
CA LEU A 101 -17.04 -0.86 11.45
C LEU A 101 -16.66 0.60 11.38
N PRO A 102 -17.67 1.51 11.39
CA PRO A 102 -17.27 2.90 11.46
C PRO A 102 -16.88 3.28 12.91
N LEU A 103 -16.37 4.49 13.09
CA LEU A 103 -15.65 4.86 14.30
C LEU A 103 -16.38 4.57 15.62
N MET A 104 -17.56 5.12 15.75
CA MET A 104 -18.27 5.09 17.04
C MET A 104 -18.69 3.69 17.42
N THR A 105 -19.20 2.89 16.50
CA THR A 105 -19.52 1.50 16.84
CA THR A 105 -19.52 1.52 16.87
C THR A 105 -18.24 0.64 16.98
N TRP A 106 -17.16 1.00 16.27
CA TRP A 106 -15.87 0.32 16.43
C TRP A 106 -15.37 0.52 17.85
N LEU A 107 -15.36 1.76 18.30
CA LEU A 107 -14.97 2.10 19.68
C LEU A 107 -15.91 1.53 20.76
N GLN A 108 -17.20 1.87 20.71
CA GLN A 108 -18.16 1.54 21.81
C GLN A 108 -18.56 0.08 21.91
N ASP A 109 -18.76 -0.57 20.77
CA ASP A 109 -19.25 -1.93 20.75
C ASP A 109 -18.18 -2.99 20.62
N HIS A 110 -16.93 -2.61 20.36
CA HIS A 110 -15.89 -3.63 20.11
C HIS A 110 -14.60 -3.40 20.82
N ILE A 111 -13.91 -2.32 20.46
CA ILE A 111 -12.60 -1.96 21.03
C ILE A 111 -12.63 -1.62 22.52
N TRP A 112 -13.46 -0.66 22.92
CA TRP A 112 -13.62 -0.40 24.36
C TRP A 112 -13.98 -1.60 25.21
N PRO A 113 -14.94 -2.44 24.77
CA PRO A 113 -15.21 -3.68 25.53
C PRO A 113 -13.98 -4.60 25.57
N ALA A 114 -13.34 -4.81 24.42
CA ALA A 114 -12.15 -5.66 24.40
C ALA A 114 -11.03 -5.09 25.26
N GLU A 115 -10.87 -3.79 25.28
CA GLU A 115 -9.85 -3.19 26.14
C GLU A 115 -10.12 -3.44 27.64
N GLY A 116 -11.37 -3.17 28.05
CA GLY A 116 -11.83 -3.37 29.43
C GLY A 116 -11.61 -4.80 29.85
N GLN A 117 -11.80 -5.74 28.93
CA GLN A 117 -11.61 -7.16 29.23
C GLN A 117 -10.14 -7.68 29.26
N TRP A 118 -9.20 -7.06 28.54
CA TRP A 118 -7.90 -7.72 28.30
C TRP A 118 -6.67 -6.92 28.59
N VAL A 119 -6.79 -5.60 28.57
CA VAL A 119 -5.62 -4.75 28.71
C VAL A 119 -5.11 -4.68 30.16
N SER A 120 -3.99 -5.35 30.39
CA SER A 120 -3.36 -5.39 31.70
C SER A 120 -1.96 -4.87 31.43
N GLU A 121 -1.17 -4.70 32.48
CA GLU A 121 0.21 -4.35 32.30
C GLU A 121 0.93 -5.38 31.39
N ASP A 122 0.66 -6.68 31.61
CA ASP A 122 1.21 -7.76 30.77
C ASP A 122 0.86 -7.65 29.27
N PHE A 123 -0.41 -7.38 28.97
CA PHE A 123 -0.91 -7.11 27.60
C PHE A 123 -0.06 -6.01 26.96
N ILE A 124 0.13 -4.93 27.73
CA ILE A 124 0.83 -3.76 27.21
C ILE A 124 2.30 -4.07 26.92
N ARG A 125 2.98 -4.76 27.86
CA ARG A 125 4.38 -5.16 27.61
C ARG A 125 4.55 -5.99 26.36
N ASP A 126 3.74 -7.03 26.22
CA ASP A 126 3.77 -7.90 25.07
C ASP A 126 3.37 -7.19 23.77
N GLY A 127 2.24 -6.49 23.80
CA GLY A 127 1.72 -5.84 22.62
C GLY A 127 2.63 -4.72 22.12
N THR A 128 3.24 -3.99 23.05
CA THR A 128 4.07 -2.84 22.68
C THR A 128 5.36 -3.33 22.03
N GLU A 129 5.94 -4.40 22.61
CA GLU A 129 7.18 -4.93 22.06
C GLU A 129 6.92 -5.52 20.66
N LEU A 130 5.79 -6.22 20.53
CA LEU A 130 5.34 -6.75 19.24
C LEU A 130 5.27 -5.63 18.19
N ALA A 131 4.65 -4.50 18.58
CA ALA A 131 4.54 -3.31 17.72
C ALA A 131 5.91 -2.69 17.44
N ILE A 132 6.77 -2.58 18.46
CA ILE A 132 8.07 -1.97 18.24
C ILE A 132 8.90 -2.86 17.26
N ALA A 133 8.86 -4.17 17.47
CA ALA A 133 9.60 -5.05 16.57
C ALA A 133 9.09 -4.97 15.10
N GLU A 134 7.77 -4.97 14.91
CA GLU A 134 7.18 -4.71 13.58
C GLU A 134 7.66 -3.38 12.97
N GLN A 135 7.73 -2.34 13.79
CA GLN A 135 8.05 -1.00 13.31
C GLN A 135 9.54 -0.85 12.90
N VAL A 136 10.43 -1.32 13.77
CA VAL A 136 11.86 -1.24 13.48
C VAL A 136 12.11 -1.96 12.17
N LYS A 137 11.50 -3.13 12.02
CA LYS A 137 11.68 -3.91 10.78
C LYS A 137 11.21 -3.12 9.57
N GLY A 138 10.26 -2.20 9.78
CA GLY A 138 9.73 -1.35 8.71
C GLY A 138 10.45 0.01 8.65
N GLY A 139 11.50 0.21 9.44
CA GLY A 139 12.36 1.38 9.28
C GLY A 139 12.00 2.59 10.15
N ILE A 140 11.11 2.36 11.12
CA ILE A 140 10.67 3.39 12.05
C ILE A 140 11.66 3.43 13.23
N THR A 141 12.26 4.59 13.42
CA THR A 141 13.21 4.81 14.55
C THR A 141 12.56 5.56 15.73
N CYS A 142 11.44 6.22 15.47
CA CYS A 142 10.77 7.08 16.48
C CYS A 142 9.28 6.90 16.33
N PHE A 143 8.57 6.66 17.41
CA PHE A 143 7.12 6.55 17.29
C PHE A 143 6.38 7.28 18.42
N SER A 144 5.11 7.65 18.20
CA SER A 144 4.29 8.24 19.24
C SER A 144 3.28 7.21 19.75
N ASP A 145 3.18 7.03 21.05
CA ASP A 145 2.15 6.17 21.54
C ASP A 145 1.12 6.93 22.37
N MET A 146 -0.15 6.52 22.24
CA MET A 146 -1.28 7.01 22.98
C MET A 146 -2.03 5.78 23.43
N TYR A 147 -1.58 5.21 24.55
CA TYR A 147 -2.19 3.98 25.00
C TYR A 147 -1.99 3.79 26.50
N PHE A 148 -2.64 2.77 27.03
CA PHE A 148 -2.65 2.50 28.47
C PHE A 148 -1.33 2.01 29.10
N TYR A 149 -1.27 2.18 30.43
CA TYR A 149 -0.08 1.88 31.23
C TYR A 149 1.18 2.48 30.60
N PRO A 150 1.22 3.81 30.53
CA PRO A 150 2.35 4.44 29.88
C PRO A 150 3.67 4.00 30.49
N GLN A 151 3.65 3.66 31.78
CA GLN A 151 4.89 3.32 32.50
C GLN A 151 5.49 2.07 31.94
N ALA A 152 4.63 1.08 31.74
CA ALA A 152 5.04 -0.17 31.14
C ALA A 152 5.55 0.07 29.70
N ILE A 153 4.87 0.96 28.97
CA ILE A 153 5.30 1.33 27.60
C ILE A 153 6.71 1.86 27.58
N CYS A 154 7.03 2.74 28.53
CA CYS A 154 8.36 3.35 28.61
C CYS A 154 9.43 2.29 28.87
N GLY A 155 9.08 1.30 29.68
CA GLY A 155 10.03 0.21 29.99
C GLY A 155 10.38 -0.56 28.73
N VAL A 156 9.37 -0.92 27.95
CA VAL A 156 9.56 -1.63 26.66
C VAL A 156 10.34 -0.77 25.65
N VAL A 157 10.00 0.51 25.55
CA VAL A 157 10.72 1.41 24.64
C VAL A 157 12.16 1.54 25.06
N HIS A 158 12.36 1.71 26.37
CA HIS A 158 13.72 1.82 26.91
C HIS A 158 14.58 0.66 26.49
N ASP A 159 14.10 -0.56 26.71
CA ASP A 159 14.84 -1.79 26.30
C ASP A 159 15.04 -1.91 24.78
N SER A 160 14.07 -1.47 23.97
CA SER A 160 14.12 -1.63 22.53
C SER A 160 15.20 -0.76 21.86
N GLY A 161 15.63 0.31 22.52
CA GLY A 161 16.55 1.30 21.95
C GLY A 161 15.92 2.35 21.00
N VAL A 162 14.60 2.31 20.82
CA VAL A 162 13.95 3.21 19.86
CA VAL A 162 13.94 3.19 19.86
C VAL A 162 13.60 4.52 20.56
N ARG A 163 13.31 5.55 19.77
CA ARG A 163 12.96 6.86 20.35
C ARG A 163 11.42 6.90 20.42
N ALA A 164 10.84 7.51 21.47
CA ALA A 164 9.35 7.63 21.52
C ALA A 164 8.81 8.88 22.21
N GLN A 165 7.60 9.28 21.82
CA GLN A 165 6.74 10.16 22.62
C GLN A 165 5.71 9.24 23.21
N VAL A 166 5.50 9.30 24.54
CA VAL A 166 4.53 8.42 25.14
C VAL A 166 3.52 9.39 25.78
N ALA A 167 2.29 9.29 25.30
CA ALA A 167 1.21 10.25 25.65
C ALA A 167 0.32 9.63 26.72
N ILE A 168 0.17 10.35 27.82
CA ILE A 168 -0.64 9.90 28.94
C ILE A 168 -2.09 9.97 28.50
N PRO A 169 -2.80 8.85 28.53
CA PRO A 169 -4.17 8.84 28.11
C PRO A 169 -5.06 9.55 29.14
N VAL A 170 -5.82 10.52 28.66
CA VAL A 170 -6.74 11.26 29.49
C VAL A 170 -8.13 11.13 28.87
N LEU A 171 -9.04 10.61 29.68
CA LEU A 171 -10.41 10.35 29.29
C LEU A 171 -11.38 10.64 30.45
N ASP A 172 -12.67 10.84 30.13
CA ASP A 172 -13.72 11.12 31.13
C ASP A 172 -14.25 9.91 31.90
N PHE A 173 -13.76 8.72 31.58
CA PHE A 173 -14.24 7.49 32.21
C PHE A 173 -13.07 6.57 32.63
N PRO A 174 -13.34 5.48 33.39
CA PRO A 174 -12.24 4.64 33.84
C PRO A 174 -11.56 3.93 32.66
N ILE A 175 -10.23 3.96 32.61
CA ILE A 175 -9.46 3.31 31.54
C ILE A 175 -8.55 2.21 32.14
N PRO A 176 -7.96 1.29 31.31
CA PRO A 176 -7.05 0.34 31.98
C PRO A 176 -5.91 1.07 32.66
N GLY A 177 -5.69 0.77 33.94
CA GLY A 177 -4.62 1.40 34.70
C GLY A 177 -4.85 2.78 35.27
N ALA A 178 -6.00 3.39 34.97
CA ALA A 178 -6.34 4.66 35.58
C ALA A 178 -7.82 4.70 35.79
N ARG A 179 -8.24 4.62 37.05
CA ARG A 179 -9.67 4.69 37.41
C ARG A 179 -10.29 6.02 36.97
N ASP A 180 -9.50 7.09 36.93
CA ASP A 180 -10.00 8.36 36.39
C ASP A 180 -8.86 9.25 35.94
N SER A 181 -9.24 10.33 35.27
CA SER A 181 -8.33 11.37 34.81
C SER A 181 -7.29 11.80 35.86
N ALA A 182 -7.77 12.23 37.03
CA ALA A 182 -6.89 12.68 38.12
C ALA A 182 -5.74 11.70 38.35
N GLU A 183 -6.06 10.41 38.53
CA GLU A 183 -5.08 9.34 38.68
C GLU A 183 -4.12 9.12 37.47
N ALA A 184 -4.61 9.33 36.25
CA ALA A 184 -3.80 9.14 35.04
C ALA A 184 -2.70 10.19 35.04
N ILE A 185 -3.09 11.42 35.37
CA ILE A 185 -2.17 12.54 35.42
C ILE A 185 -1.20 12.44 36.61
N ARG A 186 -1.69 11.87 37.72
CA ARG A 186 -0.84 11.49 38.86
C ARG A 186 0.37 10.74 38.36
N GLN A 187 0.12 9.57 37.75
CA GLN A 187 1.13 8.69 37.19
C GLN A 187 2.05 9.35 36.16
N GLY A 188 1.48 10.30 35.40
CA GLY A 188 2.17 10.97 34.31
C GLY A 188 3.25 11.92 34.80
N MET A 189 2.93 12.61 35.89
CA MET A 189 3.87 13.48 36.58
C MET A 189 5.08 12.70 37.04
N ALA A 190 4.82 11.58 37.71
CA ALA A 190 5.85 10.69 38.20
C ALA A 190 6.69 10.23 37.02
N LEU A 191 5.99 9.83 35.94
CA LEU A 191 6.66 9.45 34.71
C LEU A 191 7.50 10.59 34.17
N PHE A 192 6.93 11.79 34.09
CA PHE A 192 7.66 12.92 33.56
C PHE A 192 8.94 13.16 34.36
N ASP A 193 8.85 12.93 35.68
CA ASP A 193 9.96 13.05 36.64
C ASP A 193 11.01 11.99 36.47
N ASP A 194 10.56 10.73 36.52
CA ASP A 194 11.44 9.60 36.34
C ASP A 194 12.23 9.73 35.04
N LEU A 195 11.56 10.17 33.97
CA LEU A 195 12.19 10.19 32.66
C LEU A 195 12.82 11.52 32.33
N LYS A 196 13.04 12.32 33.37
CA LYS A 196 13.62 13.65 33.27
C LYS A 196 14.86 13.70 32.39
N HIS A 197 15.78 12.76 32.57
CA HIS A 197 16.99 12.86 31.77
C HIS A 197 17.13 11.83 30.67
N HIS A 198 16.03 11.15 30.32
CA HIS A 198 16.11 10.07 29.34
C HIS A 198 16.48 10.51 27.95
N PRO A 199 17.44 9.82 27.31
CA PRO A 199 17.89 10.26 25.99
C PRO A 199 16.88 10.05 24.85
N ARG A 200 15.92 9.15 25.03
CA ARG A 200 15.11 8.68 23.91
C ARG A 200 13.62 8.87 24.10
N ILE A 201 13.17 9.18 25.31
CA ILE A 201 11.75 9.06 25.61
C ILE A 201 11.24 10.39 26.10
N ARG A 202 10.17 10.90 25.49
CA ARG A 202 9.53 12.15 25.97
C ARG A 202 8.10 11.82 26.36
N ILE A 203 7.64 12.43 27.45
CA ILE A 203 6.28 12.19 27.91
C ILE A 203 5.39 13.35 27.39
N ALA A 204 4.20 13.02 26.91
CA ALA A 204 3.29 14.04 26.44
C ALA A 204 1.95 13.68 27.06
N PHE A 205 0.94 14.53 26.87
CA PHE A 205 -0.45 14.21 27.29
C PHE A 205 -1.33 13.89 26.12
N GLY A 206 -2.22 12.92 26.32
CA GLY A 206 -3.04 12.35 25.28
C GLY A 206 -4.50 12.34 25.65
N PRO A 207 -5.12 13.53 25.72
CA PRO A 207 -6.58 13.62 25.78
C PRO A 207 -7.11 12.91 24.55
N HIS A 208 -8.03 11.99 24.73
CA HIS A 208 -8.40 11.13 23.65
C HIS A 208 -9.04 11.83 22.45
N ALA A 209 -10.13 12.56 22.71
CA ALA A 209 -10.94 13.17 21.63
C ALA A 209 -11.91 14.18 22.29
N PRO A 210 -12.46 15.14 21.51
CA PRO A 210 -13.35 16.18 22.10
C PRO A 210 -14.53 15.57 22.83
N TYR A 211 -15.07 14.49 22.31
CA TYR A 211 -16.26 13.87 22.88
C TYR A 211 -15.98 12.96 24.11
N THR A 212 -14.75 12.89 24.57
CA THR A 212 -14.40 11.99 25.71
C THR A 212 -13.61 12.74 26.77
N VAL A 213 -13.33 14.02 26.55
CA VAL A 213 -12.54 14.83 27.46
C VAL A 213 -13.28 16.15 27.75
N SER A 214 -13.55 16.41 29.04
CA SER A 214 -14.29 17.59 29.46
C SER A 214 -13.38 18.81 29.35
N ASP A 215 -14.00 19.99 29.34
CA ASP A 215 -13.31 21.29 29.35
C ASP A 215 -12.33 21.48 30.50
N ASP A 216 -12.70 20.98 31.68
CA ASP A 216 -11.87 21.06 32.89
C ASP A 216 -10.55 20.34 32.70
N LYS A 217 -10.67 19.08 32.31
CA LYS A 217 -9.51 18.23 32.04
C LYS A 217 -8.63 18.87 30.96
N LEU A 218 -9.26 19.47 29.95
CA LEU A 218 -8.50 20.16 28.91
C LEU A 218 -7.71 21.35 29.44
N GLU A 219 -8.34 22.15 30.31
CA GLU A 219 -7.62 23.28 30.92
C GLU A 219 -6.47 22.79 31.82
N GLN A 220 -6.70 21.69 32.53
CA GLN A 220 -5.66 21.02 33.34
C GLN A 220 -4.38 20.73 32.52
N ILE A 221 -4.56 20.15 31.33
CA ILE A 221 -3.45 19.71 30.50
C ILE A 221 -2.70 20.92 29.98
N LEU A 222 -3.43 21.95 29.58
CA LEU A 222 -2.79 23.17 29.08
C LEU A 222 -1.77 23.73 30.08
N VAL A 223 -2.21 23.89 31.32
CA VAL A 223 -1.31 24.48 32.34
C VAL A 223 -0.16 23.51 32.65
N LEU A 224 -0.47 22.21 32.84
CA LEU A 224 0.61 21.21 33.01
C LEU A 224 1.64 21.28 31.89
N THR A 225 1.16 21.37 30.63
CA THR A 225 2.06 21.39 29.48
C THR A 225 2.81 22.73 29.38
N GLU A 226 2.17 23.83 29.76
CA GLU A 226 2.91 25.11 29.84
C GLU A 226 4.07 25.01 30.84
N GLU A 227 3.81 24.37 31.97
CA GLU A 227 4.79 24.29 33.06
C GLU A 227 5.93 23.33 32.74
N LEU A 228 5.58 22.21 32.11
CA LEU A 228 6.56 21.17 31.85
C LEU A 228 7.17 21.35 30.46
N ASP A 229 6.63 22.29 29.68
CA ASP A 229 7.02 22.52 28.30
C ASP A 229 6.80 21.25 27.43
N ALA A 230 5.67 20.57 27.64
CA ALA A 230 5.35 19.30 27.02
C ALA A 230 4.29 19.42 25.91
N SER A 231 4.08 18.32 25.18
CA SER A 231 3.13 18.24 24.07
C SER A 231 1.78 17.67 24.42
N ILE A 232 0.82 17.99 23.55
CA ILE A 232 -0.52 17.43 23.59
C ILE A 232 -0.80 16.75 22.26
N GLN A 233 -1.32 15.53 22.31
CA GLN A 233 -1.78 14.85 21.09
C GLN A 233 -3.18 14.39 21.35
N MET A 234 -4.03 14.50 20.34
CA MET A 234 -5.47 14.32 20.49
C MET A 234 -6.12 14.03 19.14
N HIS A 235 -7.09 13.11 19.11
CA HIS A 235 -7.79 12.84 17.87
C HIS A 235 -8.78 13.98 17.70
N VAL A 236 -8.71 14.70 16.59
CA VAL A 236 -9.55 15.87 16.36
C VAL A 236 -10.13 15.85 14.92
N HIS A 237 -11.45 16.03 14.83
CA HIS A 237 -12.17 16.26 13.55
C HIS A 237 -11.96 15.08 12.68
N GLU A 238 -12.11 13.92 13.30
CA GLU A 238 -11.91 12.66 12.62
C GLU A 238 -13.04 12.38 11.67
N THR A 239 -14.27 12.73 12.06
CA THR A 239 -15.46 12.39 11.30
C THR A 239 -16.39 13.61 11.17
N ALA A 240 -17.28 13.58 10.17
CA ALA A 240 -18.26 14.62 9.96
C ALA A 240 -19.16 14.64 11.18
N PHE A 241 -19.53 13.45 11.64
CA PHE A 241 -20.46 13.29 12.75
C PHE A 241 -19.98 13.96 14.02
N GLU A 242 -18.68 13.87 14.32
CA GLU A 242 -18.12 14.56 15.49
C GLU A 242 -18.20 16.10 15.35
N VAL A 243 -17.99 16.63 14.16
CA VAL A 243 -17.94 18.08 13.99
C VAL A 243 -19.40 18.63 14.14
N GLU A 244 -20.35 17.88 13.62
CA GLU A 244 -21.74 18.32 13.54
C GLU A 244 -22.45 18.19 14.88
N GLN A 245 -22.20 17.09 15.58
CA GLN A 245 -22.76 16.87 16.90
C GLN A 245 -22.25 17.90 17.84
N ALA A 246 -20.98 18.28 17.70
CA ALA A 246 -20.41 19.34 18.52
C ALA A 246 -21.07 20.70 18.20
N MET A 247 -21.28 20.96 16.93
CA MET A 247 -21.93 22.17 16.44
C MET A 247 -23.36 22.30 17.01
N GLU A 248 -24.13 21.22 16.89
CA GLU A 248 -25.48 21.12 17.38
C GLU A 248 -25.64 21.12 18.89
N ARG A 249 -24.67 20.58 19.63
CA ARG A 249 -24.78 20.53 21.08
C ARG A 249 -24.16 21.72 21.76
N ASN A 250 -23.05 22.23 21.23
CA ASN A 250 -22.27 23.25 21.92
C ASN A 250 -22.12 24.53 21.12
N GLY A 251 -22.61 24.53 19.88
CA GLY A 251 -22.42 25.66 18.99
C GLY A 251 -20.99 26.08 18.66
N GLU A 252 -20.04 25.14 18.71
CA GLU A 252 -18.69 25.41 18.17
C GLU A 252 -18.01 24.13 17.68
N ARG A 253 -17.12 24.27 16.71
CA ARG A 253 -16.40 23.14 16.17
C ARG A 253 -15.35 22.70 17.22
N PRO A 254 -15.07 21.38 17.34
CA PRO A 254 -14.08 20.98 18.35
C PRO A 254 -12.81 21.78 18.29
N LEU A 255 -12.32 22.05 17.08
CA LEU A 255 -11.09 22.81 16.93
C LEU A 255 -11.25 24.27 17.43
N ALA A 256 -12.45 24.82 17.31
CA ALA A 256 -12.72 26.17 17.84
C ALA A 256 -12.74 26.13 19.39
N ARG A 257 -13.39 25.10 19.93
CA ARG A 257 -13.41 24.83 21.37
C ARG A 257 -11.99 24.72 21.91
N LEU A 258 -11.11 24.00 21.21
CA LEU A 258 -9.72 23.90 21.65
C LEU A 258 -8.98 25.22 21.53
N HIS A 259 -9.31 25.97 20.49
CA HIS A 259 -8.71 27.27 20.30
C HIS A 259 -9.13 28.19 21.44
N ARG A 260 -10.41 28.12 21.81
CA ARG A 260 -10.94 29.02 22.82
C ARG A 260 -10.28 28.67 24.15
N LEU A 261 -10.20 27.37 24.44
CA LEU A 261 -9.51 26.88 25.61
C LEU A 261 -7.99 27.12 25.62
N GLY A 262 -7.41 27.50 24.48
CA GLY A 262 -5.99 27.92 24.48
C GLY A 262 -4.93 26.81 24.32
N LEU A 263 -5.39 25.59 24.05
CA LEU A 263 -4.55 24.39 23.81
C LEU A 263 -3.74 24.37 22.54
N LEU A 264 -4.18 25.11 21.51
CA LEU A 264 -3.52 25.03 20.22
C LEU A 264 -2.23 25.79 20.28
N GLY A 265 -1.23 25.33 19.53
CA GLY A 265 0.07 25.99 19.47
C GLY A 265 1.08 24.97 18.95
N PRO A 266 2.35 25.36 18.88
CA PRO A 266 3.39 24.53 18.24
C PRO A 266 3.65 23.18 18.93
N ARG A 267 3.08 22.93 20.12
CA ARG A 267 3.23 21.64 20.77
C ARG A 267 1.93 20.84 20.72
N PHE A 268 0.92 21.33 20.00
CA PHE A 268 -0.34 20.58 19.85
C PHE A 268 -0.30 19.75 18.55
N GLN A 269 -0.75 18.49 18.65
CA GLN A 269 -0.71 17.52 17.54
C GLN A 269 -2.10 17.06 17.26
N ALA A 270 -2.70 17.66 16.24
CA ALA A 270 -4.10 17.34 15.96
C ALA A 270 -4.17 16.11 15.05
N VAL A 271 -4.72 15.00 15.55
CA VAL A 271 -4.67 13.73 14.83
C VAL A 271 -5.92 13.57 13.99
N HIS A 272 -5.73 13.24 12.71
CA HIS A 272 -6.77 12.91 11.73
C HIS A 272 -7.16 14.14 10.93
N MET A 273 -7.95 15.03 11.56
CA MET A 273 -8.43 16.25 10.85
C MET A 273 -9.00 15.98 9.44
N THR A 274 -9.90 15.03 9.28
CA THR A 274 -10.48 14.86 7.96
C THR A 274 -11.47 16.01 7.63
N GLN A 275 -11.92 16.74 8.64
CA GLN A 275 -12.96 17.81 8.48
C GLN A 275 -12.32 19.13 8.78
N VAL A 276 -12.11 19.94 7.74
CA VAL A 276 -11.34 21.17 7.86
C VAL A 276 -12.00 22.26 7.04
N ASP A 277 -12.55 23.27 7.71
CA ASP A 277 -13.08 24.43 6.94
C ASP A 277 -12.07 25.53 6.97
N ASN A 278 -12.37 26.66 6.32
CA ASN A 278 -11.45 27.78 6.35
C ASN A 278 -11.10 28.33 7.74
N ASP A 279 -12.07 28.36 8.65
CA ASP A 279 -11.84 28.81 10.04
C ASP A 279 -10.85 27.87 10.77
N ASP A 280 -11.10 26.56 10.70
CA ASP A 280 -10.11 25.53 11.16
C ASP A 280 -8.74 25.84 10.59
N LEU A 281 -8.70 26.04 9.27
CA LEU A 281 -7.45 26.32 8.58
C LEU A 281 -6.74 27.54 9.17
N ALA A 282 -7.50 28.60 9.45
CA ALA A 282 -6.91 29.82 10.00
C ALA A 282 -6.31 29.55 11.39
N MET A 283 -7.03 28.80 12.21
CA MET A 283 -6.59 28.51 13.57
C MET A 283 -5.32 27.63 13.59
N LEU A 284 -5.22 26.67 12.67
CA LEU A 284 -3.99 25.86 12.57
C LEU A 284 -2.82 26.72 12.14
N VAL A 285 -3.08 27.61 11.17
CA VAL A 285 -2.04 28.49 10.63
C VAL A 285 -1.60 29.49 11.72
N GLU A 286 -2.57 30.12 12.37
CA GLU A 286 -2.31 31.09 13.45
C GLU A 286 -1.48 30.45 14.53
N THR A 287 -1.87 29.24 14.96
CA THR A 287 -1.25 28.65 16.12
C THR A 287 0.01 27.81 15.82
N ASN A 288 0.28 27.53 14.54
CA ASN A 288 1.41 26.66 14.19
C ASN A 288 1.24 25.25 14.79
N SER A 289 0.00 24.81 14.96
CA SER A 289 -0.28 23.45 15.39
C SER A 289 0.08 22.46 14.26
N SER A 290 0.35 21.22 14.64
CA SER A 290 0.63 20.16 13.68
C SER A 290 -0.60 19.33 13.44
N VAL A 291 -0.69 18.84 12.22
CA VAL A 291 -1.67 17.82 11.91
C VAL A 291 -0.96 16.45 11.80
N ILE A 292 -1.55 15.40 12.36
CA ILE A 292 -1.02 14.06 12.13
C ILE A 292 -1.98 13.31 11.26
N HIS A 293 -1.54 13.07 10.03
CA HIS A 293 -2.34 12.43 8.98
C HIS A 293 -2.26 10.93 9.13
N CYS A 294 -3.42 10.28 9.23
CA CYS A 294 -3.51 8.82 9.25
C CYS A 294 -4.40 8.32 8.08
N PRO A 295 -3.81 8.24 6.86
CA PRO A 295 -4.69 8.02 5.70
C PRO A 295 -5.40 6.69 5.75
N GLU A 296 -4.73 5.60 6.11
CA GLU A 296 -5.37 4.31 5.96
C GLU A 296 -6.45 4.05 7.01
N SER A 297 -6.20 4.54 8.22
CA SER A 297 -7.22 4.50 9.26
C SER A 297 -8.48 5.34 8.88
N ASN A 298 -8.26 6.56 8.36
CA ASN A 298 -9.38 7.39 7.88
C ASN A 298 -10.19 6.69 6.79
N LEU A 299 -9.50 6.01 5.87
CA LEU A 299 -10.18 5.28 4.81
C LEU A 299 -10.89 4.08 5.37
N LYS A 300 -10.20 3.28 6.17
CA LYS A 300 -10.78 2.01 6.63
C LYS A 300 -12.03 2.19 7.54
N LEU A 301 -12.02 3.21 8.38
CA LEU A 301 -13.17 3.52 9.28
C LEU A 301 -14.23 4.38 8.57
N ALA A 302 -14.01 4.61 7.28
CA ALA A 302 -14.85 5.51 6.48
C ALA A 302 -15.01 6.85 7.20
N SER A 303 -13.90 7.42 7.65
CA SER A 303 -13.86 8.68 8.37
C SER A 303 -13.80 9.91 7.45
N GLY A 304 -13.03 9.77 6.36
CA GLY A 304 -12.97 10.79 5.32
C GLY A 304 -11.57 10.94 4.73
N PHE A 305 -11.29 12.12 4.23
CA PHE A 305 -10.07 12.43 3.52
C PHE A 305 -9.48 13.70 4.10
N CYS A 306 -8.35 13.59 4.78
CA CYS A 306 -7.70 14.80 5.27
C CYS A 306 -7.14 15.59 4.09
N PRO A 307 -7.42 16.92 4.03
CA PRO A 307 -6.98 17.72 2.86
C PRO A 307 -5.53 18.08 2.99
N VAL A 308 -4.66 17.09 2.83
CA VAL A 308 -3.26 17.35 3.10
C VAL A 308 -2.59 18.48 2.30
N GLU A 309 -2.79 18.52 1.01
CA GLU A 309 -2.11 19.51 0.20
C GLU A 309 -2.59 20.93 0.55
N LYS A 310 -3.86 21.06 0.84
CA LYS A 310 -4.40 22.34 1.26
C LYS A 310 -3.68 22.77 2.55
N LEU A 311 -3.56 21.86 3.51
CA LEU A 311 -2.86 22.17 4.78
C LEU A 311 -1.43 22.58 4.52
N TRP A 312 -0.78 21.81 3.64
CA TRP A 312 0.61 22.02 3.36
C TRP A 312 0.84 23.33 2.67
N GLN A 313 -0.04 23.68 1.71
CA GLN A 313 0.12 24.94 0.98
C GLN A 313 -0.11 26.15 1.90
N ALA A 314 -1.00 25.99 2.86
CA ALA A 314 -1.19 27.00 3.92
C ALA A 314 -0.03 27.05 4.93
N GLY A 315 0.95 26.13 4.80
CA GLY A 315 2.10 26.11 5.68
C GLY A 315 1.86 25.42 7.02
N VAL A 316 0.81 24.63 7.15
CA VAL A 316 0.67 23.76 8.31
C VAL A 316 1.65 22.55 8.21
N ASN A 317 2.27 22.24 9.34
CA ASN A 317 3.13 21.06 9.49
C ASN A 317 2.27 19.81 9.54
N VAL A 318 2.47 18.94 8.57
CA VAL A 318 1.66 17.74 8.52
C VAL A 318 2.61 16.53 8.67
N ALA A 319 2.34 15.68 9.65
CA ALA A 319 3.18 14.49 9.86
C ALA A 319 2.29 13.30 9.57
N ILE A 320 2.80 12.08 9.71
CA ILE A 320 2.01 10.92 9.35
C ILE A 320 2.11 9.85 10.44
N GLY A 321 1.07 9.04 10.59
CA GLY A 321 1.04 7.99 11.60
C GLY A 321 0.32 6.81 10.98
N THR A 322 0.48 5.62 11.56
CA THR A 322 -0.28 4.43 11.16
C THR A 322 -1.57 4.26 11.94
N ASP A 323 -1.66 4.90 13.09
CA ASP A 323 -2.76 4.53 14.02
C ASP A 323 -2.45 3.11 14.55
N GLY A 324 -3.45 2.45 15.13
CA GLY A 324 -3.33 1.10 15.67
C GLY A 324 -3.66 -0.03 14.71
N ALA A 325 -3.12 -1.21 15.01
CA ALA A 325 -3.29 -2.41 14.19
C ALA A 325 -4.73 -2.95 14.05
N ALA A 326 -5.70 -2.42 14.78
CA ALA A 326 -7.09 -2.80 14.57
C ALA A 326 -7.82 -1.85 13.58
N SER A 327 -7.19 -0.76 13.18
CA SER A 327 -7.77 0.04 12.12
C SER A 327 -6.72 0.41 11.09
N ASN A 328 -5.94 -0.59 10.63
CA ASN A 328 -4.97 -0.32 9.58
C ASN A 328 -4.82 -1.44 8.50
N ASN A 329 -4.33 -2.66 8.79
CA ASN A 329 -4.04 -3.17 10.13
C ASN A 329 -2.54 -3.49 10.32
N ASP A 330 -1.66 -2.82 9.58
CA ASP A 330 -0.23 -3.03 9.81
C ASP A 330 0.34 -1.75 10.42
N LEU A 331 1.58 -1.84 10.87
CA LEU A 331 2.23 -0.64 11.35
C LEU A 331 3.32 -0.22 10.35
N ASP A 332 2.92 -0.19 9.09
CA ASP A 332 3.84 0.08 7.99
C ASP A 332 3.81 1.57 7.62
N LEU A 333 4.78 2.34 8.12
CA LEU A 333 4.77 3.77 7.89
C LEU A 333 5.14 4.13 6.46
N LEU A 334 6.04 3.38 5.88
CA LEU A 334 6.40 3.64 4.50
C LEU A 334 5.17 3.42 3.55
N GLY A 335 4.44 2.34 3.81
CA GLY A 335 3.23 2.02 3.09
C GLY A 335 2.20 3.12 3.34
N GLU A 336 2.16 3.64 4.56
CA GLU A 336 1.15 4.70 4.89
C GLU A 336 1.54 5.94 4.06
N THR A 337 2.83 6.20 4.02
CA THR A 337 3.37 7.37 3.30
C THR A 337 3.04 7.25 1.79
N ARG A 338 3.17 6.05 1.25
CA ARG A 338 2.75 5.79 -0.16
C ARG A 338 1.26 6.09 -0.36
N THR A 339 0.42 5.51 0.50
CA THR A 339 -1.01 5.80 0.48
C THR A 339 -1.28 7.31 0.51
N ALA A 340 -0.58 8.02 1.39
CA ALA A 340 -0.81 9.44 1.58
C ALA A 340 -0.49 10.19 0.29
N ALA A 341 0.64 9.81 -0.30
CA ALA A 341 1.18 10.50 -1.46
C ALA A 341 0.27 10.24 -2.66
N LEU A 342 -0.36 9.06 -2.74
CA LEU A 342 -1.31 8.82 -3.84
C LEU A 342 -2.61 9.55 -3.60
N LEU A 343 -3.14 9.40 -2.38
CA LEU A 343 -4.46 9.93 -2.06
C LEU A 343 -4.46 11.43 -2.26
N ALA A 344 -3.36 12.06 -1.84
CA ALA A 344 -3.30 13.54 -1.80
C ALA A 344 -3.51 14.14 -3.16
N LYS A 345 -2.94 13.50 -4.20
CA LYS A 345 -3.14 13.96 -5.59
C LYS A 345 -4.61 14.05 -6.01
N ALA A 346 -5.34 12.96 -5.75
CA ALA A 346 -6.70 12.83 -6.15
C ALA A 346 -7.62 13.64 -5.25
N VAL A 347 -7.30 13.76 -3.97
CA VAL A 347 -8.09 14.62 -3.04
C VAL A 347 -7.98 16.11 -3.43
N TYR A 348 -6.77 16.53 -3.73
CA TYR A 348 -6.56 17.92 -4.05
C TYR A 348 -6.94 18.20 -5.49
N GLY A 349 -6.92 17.16 -6.33
CA GLY A 349 -7.17 17.27 -7.76
C GLY A 349 -5.99 17.78 -8.56
N GLN A 350 -4.76 17.50 -8.15
CA GLN A 350 -3.60 17.82 -9.00
C GLN A 350 -2.51 16.77 -8.83
N ALA A 351 -1.93 16.30 -9.93
CA ALA A 351 -0.94 15.19 -9.86
C ALA A 351 0.41 15.62 -9.24
N THR A 352 0.61 16.93 -9.09
CA THR A 352 1.81 17.46 -8.46
C THR A 352 1.69 17.54 -6.91
N ALA A 353 0.54 17.22 -6.31
CA ALA A 353 0.42 17.34 -4.85
C ALA A 353 1.27 16.26 -4.14
N LEU A 354 1.78 16.59 -2.94
CA LEU A 354 2.61 15.68 -2.13
C LEU A 354 3.55 14.76 -2.96
N ASP A 355 4.48 15.36 -3.67
CA ASP A 355 5.47 14.60 -4.44
C ASP A 355 6.35 13.75 -3.51
N ALA A 356 7.15 12.85 -4.08
CA ALA A 356 7.85 11.83 -3.30
C ALA A 356 8.78 12.42 -2.21
N HIS A 357 9.54 13.48 -2.56
CA HIS A 357 10.40 14.16 -1.59
C HIS A 357 9.66 14.74 -0.43
N ARG A 358 8.53 15.38 -0.70
CA ARG A 358 7.73 15.91 0.37
C ARG A 358 7.06 14.83 1.20
N ALA A 359 6.67 13.71 0.58
CA ALA A 359 6.04 12.61 1.33
C ALA A 359 7.12 12.04 2.26
N LEU A 360 8.34 11.91 1.76
CA LEU A 360 9.40 11.45 2.67
C LEU A 360 9.62 12.43 3.82
N ARG A 361 9.59 13.71 3.53
CA ARG A 361 9.67 14.75 4.54
C ARG A 361 8.58 14.62 5.60
N MET A 362 7.36 14.37 5.15
CA MET A 362 6.24 14.14 6.06
C MET A 362 6.50 12.99 7.05
N ALA A 363 7.22 11.96 6.56
CA ALA A 363 7.51 10.75 7.33
C ALA A 363 8.75 10.88 8.21
N THR A 364 9.48 11.99 8.06
CA THR A 364 10.70 12.14 8.80
C THR A 364 10.71 13.47 9.53
N LEU A 365 11.23 14.50 8.89
CA LEU A 365 11.39 15.78 9.50
C LEU A 365 10.09 16.40 10.09
N ASN A 366 8.93 16.20 9.45
CA ASN A 366 7.68 16.86 9.93
C ASN A 366 7.17 16.13 11.17
N GLY A 367 7.50 14.83 11.26
CA GLY A 367 7.11 14.01 12.40
C GLY A 367 7.98 14.46 13.57
N ALA A 368 9.28 14.64 13.30
CA ALA A 368 10.21 15.30 14.25
C ALA A 368 9.66 16.66 14.73
N ARG A 369 9.27 17.52 13.80
CA ARG A 369 8.70 18.83 14.18
C ARG A 369 7.46 18.63 15.00
N ALA A 370 6.61 17.71 14.59
CA ALA A 370 5.37 17.45 15.35
C ALA A 370 5.64 17.06 16.79
N LEU A 371 6.71 16.29 17.04
CA LEU A 371 6.94 15.77 18.38
C LEU A 371 7.87 16.68 19.17
N GLY A 372 8.27 17.78 18.56
CA GLY A 372 9.21 18.72 19.11
C GLY A 372 10.63 18.19 19.17
N LEU A 373 11.03 17.38 18.18
CA LEU A 373 12.38 16.79 18.21
C LEU A 373 13.23 17.18 17.03
N GLU A 374 12.83 18.24 16.33
CA GLU A 374 13.45 18.58 15.04
C GLU A 374 14.90 19.01 15.13
N ARG A 375 15.34 19.42 16.31
CA ARG A 375 16.75 19.75 16.45
C ARG A 375 17.63 18.51 16.66
N LEU A 376 17.04 17.40 17.09
CA LEU A 376 17.74 16.11 17.30
C LEU A 376 17.69 15.16 16.10
N ILE A 377 16.56 15.14 15.40
CA ILE A 377 16.30 14.13 14.34
C ILE A 377 15.52 14.68 13.14
N GLY A 378 15.31 13.83 12.13
CA GLY A 378 14.40 14.11 11.01
C GLY A 378 15.13 14.54 9.75
N SER A 379 16.40 14.91 9.90
CA SER A 379 17.27 15.18 8.73
C SER A 379 18.72 14.70 8.96
N LEU A 380 19.46 14.53 7.88
CA LEU A 380 20.84 14.06 8.04
C LEU A 380 21.81 15.23 8.06
N GLU A 381 21.66 16.11 9.04
CA GLU A 381 22.54 17.25 9.17
C GLU A 381 23.49 16.98 10.30
N ALA A 382 24.73 17.44 10.15
CA ALA A 382 25.80 17.29 11.15
C ALA A 382 25.30 17.71 12.56
N GLY A 383 25.61 16.89 13.57
CA GLY A 383 25.23 17.19 14.94
C GLY A 383 23.91 16.61 15.36
N LYS A 384 23.04 16.28 14.41
CA LYS A 384 21.80 15.58 14.80
C LYS A 384 22.11 14.14 15.21
N ALA A 385 21.18 13.51 15.94
CA ALA A 385 21.26 12.08 16.30
C ALA A 385 21.31 11.20 15.02
N ALA A 386 22.15 10.16 15.05
CA ALA A 386 22.22 9.20 13.97
C ALA A 386 21.09 8.17 14.08
N ASP A 387 19.86 8.64 13.79
CA ASP A 387 18.66 7.83 13.65
C ASP A 387 18.53 7.64 12.14
N LEU A 388 18.88 6.46 11.64
CA LEU A 388 19.05 6.23 10.20
C LEU A 388 18.41 4.96 9.75
N VAL A 389 17.98 4.96 8.49
CA VAL A 389 17.45 3.77 7.87
C VAL A 389 18.07 3.59 6.46
N ALA A 390 18.46 2.36 6.18
CA ALA A 390 19.00 1.97 4.87
C ALA A 390 17.94 1.12 4.16
N PHE A 391 17.45 1.64 3.03
CA PHE A 391 16.53 0.91 2.16
C PHE A 391 17.28 0.33 0.98
N ASP A 392 17.02 -0.93 0.70
CA ASP A 392 17.66 -1.61 -0.42
C ASP A 392 16.82 -1.43 -1.68
N LEU A 393 17.43 -0.78 -2.68
CA LEU A 393 16.73 -0.59 -3.93
C LEU A 393 17.34 -1.43 -5.05
N SER A 394 18.04 -2.50 -4.71
CA SER A 394 18.69 -3.32 -5.77
C SER A 394 17.84 -4.51 -6.24
N GLY A 395 16.66 -4.69 -5.64
CA GLY A 395 15.73 -5.78 -6.00
C GLY A 395 15.09 -5.61 -7.36
N LEU A 396 14.68 -6.72 -7.96
CA LEU A 396 14.16 -6.78 -9.32
C LEU A 396 13.01 -5.80 -9.56
N ALA A 397 12.04 -5.84 -8.67
CA ALA A 397 10.82 -5.02 -8.77
C ALA A 397 11.11 -3.50 -8.61
N GLN A 398 12.31 -3.17 -8.11
CA GLN A 398 12.73 -1.77 -8.03
C GLN A 398 13.58 -1.26 -9.26
N GLN A 399 13.83 -2.13 -10.23
CA GLN A 399 14.63 -1.77 -11.43
C GLN A 399 13.74 -1.31 -12.56
N PRO A 400 14.26 -0.41 -13.41
CA PRO A 400 15.52 0.31 -13.19
C PRO A 400 15.22 1.52 -12.33
N VAL A 401 16.21 1.99 -11.61
CA VAL A 401 16.02 3.14 -10.73
C VAL A 401 16.39 4.40 -11.50
N TYR A 402 15.42 5.28 -11.76
CA TYR A 402 15.75 6.59 -12.32
C TYR A 402 15.93 7.59 -11.23
N ASP A 403 15.12 7.44 -10.20
CA ASP A 403 15.11 8.35 -9.09
C ASP A 403 14.77 7.51 -7.84
N PRO A 404 15.73 7.38 -6.92
CA PRO A 404 15.65 6.45 -5.78
C PRO A 404 14.54 6.82 -4.82
N VAL A 405 14.26 8.12 -4.68
CA VAL A 405 13.21 8.61 -3.76
C VAL A 405 11.81 8.36 -4.31
N SER A 406 11.66 8.51 -5.62
CA SER A 406 10.46 8.09 -6.32
C SER A 406 10.27 6.57 -6.11
N GLN A 407 11.33 5.82 -6.32
CA GLN A 407 11.25 4.39 -6.13
C GLN A 407 10.93 3.98 -4.70
N LEU A 408 11.48 4.70 -3.73
CA LEU A 408 11.18 4.42 -2.35
C LEU A 408 9.68 4.60 -2.11
N ILE A 409 9.17 5.74 -2.46
CA ILE A 409 7.80 6.07 -2.10
C ILE A 409 6.80 5.31 -2.97
N TYR A 410 7.05 5.19 -4.27
CA TYR A 410 6.04 4.63 -5.14
C TYR A 410 6.21 3.17 -5.55
N ALA A 411 7.34 2.53 -5.22
CA ALA A 411 7.60 1.16 -5.72
C ALA A 411 8.43 0.29 -4.79
N SER A 412 8.52 0.66 -3.51
CA SER A 412 9.23 -0.18 -2.56
C SER A 412 8.34 -0.57 -1.40
N GLY A 413 8.43 -1.83 -0.97
CA GLY A 413 7.84 -2.22 0.30
C GLY A 413 8.78 -2.10 1.48
N ARG A 414 8.17 -2.11 2.67
CA ARG A 414 8.93 -2.03 3.93
C ARG A 414 9.87 -3.23 4.10
N ASP A 415 9.67 -4.28 3.33
CA ASP A 415 10.65 -5.38 3.42
C ASP A 415 12.01 -5.04 2.73
N CYS A 416 12.13 -3.90 2.04
CA CYS A 416 13.41 -3.42 1.51
CA CYS A 416 13.44 -3.48 1.53
C CYS A 416 14.29 -2.82 2.60
N VAL A 417 13.70 -2.59 3.79
CA VAL A 417 14.46 -2.02 4.90
C VAL A 417 15.53 -3.02 5.35
N ARG A 418 16.78 -2.64 5.32
CA ARG A 418 17.82 -3.63 5.66
C ARG A 418 18.45 -3.31 7.01
N HIS A 419 18.65 -2.02 7.27
CA HIS A 419 19.41 -1.58 8.46
C HIS A 419 18.75 -0.41 9.09
N VAL A 420 18.82 -0.39 10.43
CA VAL A 420 18.21 0.68 11.23
C VAL A 420 19.14 0.99 12.41
N TRP A 421 19.43 2.27 12.60
CA TRP A 421 20.15 2.78 13.78
C TRP A 421 19.32 3.82 14.48
N VAL A 422 19.44 3.90 15.79
CA VAL A 422 18.88 4.99 16.59
C VAL A 422 20.00 5.44 17.48
N GLY A 423 20.34 6.74 17.36
CA GLY A 423 21.42 7.30 18.17
C GLY A 423 22.73 6.53 17.91
N GLY A 424 22.92 6.12 16.65
CA GLY A 424 24.12 5.41 16.21
C GLY A 424 24.17 3.97 16.69
N ARG A 425 23.12 3.50 17.38
CA ARG A 425 23.10 2.10 17.88
C ARG A 425 22.26 1.28 16.90
N GLN A 426 22.88 0.24 16.35
CA GLN A 426 22.18 -0.52 15.33
C GLN A 426 21.08 -1.42 15.95
N LEU A 427 19.83 -1.31 15.46
CA LEU A 427 18.71 -2.10 15.98
C LEU A 427 18.29 -3.18 14.98
N LEU A 428 18.69 -3.01 13.73
CA LEU A 428 18.31 -3.91 12.67
C LEU A 428 19.54 -4.09 11.79
N ASP A 429 19.92 -5.33 11.59
CA ASP A 429 21.09 -5.63 10.80
C ASP A 429 20.70 -6.66 9.75
N ASP A 430 20.71 -6.25 8.50
CA ASP A 430 20.28 -7.10 7.39
C ASP A 430 18.93 -7.77 7.65
N GLY A 431 17.95 -6.97 8.07
CA GLY A 431 16.64 -7.55 8.32
C GLY A 431 16.48 -8.24 9.66
N ARG A 432 17.55 -8.38 10.45
CA ARG A 432 17.44 -9.08 11.76
C ARG A 432 17.41 -8.09 12.92
N LEU A 433 16.48 -8.31 13.85
CA LEU A 433 16.36 -7.46 15.04
C LEU A 433 17.39 -7.82 16.07
N LEU A 434 18.16 -6.85 16.52
CA LEU A 434 19.22 -7.08 17.51
C LEU A 434 18.70 -7.03 18.95
N ARG A 435 17.49 -6.53 19.17
CA ARG A 435 16.98 -6.34 20.53
C ARG A 435 15.72 -7.10 20.87
N HIS A 436 15.28 -7.97 19.96
CA HIS A 436 14.03 -8.70 20.17
C HIS A 436 14.21 -10.09 19.72
N ASP A 437 13.43 -11.00 20.28
CA ASP A 437 13.42 -12.38 19.81
C ASP A 437 12.12 -12.61 19.03
N GLU A 438 12.19 -12.61 17.70
CA GLU A 438 10.96 -12.70 16.86
C GLU A 438 10.16 -13.94 17.17
N GLN A 439 10.87 -15.04 17.35
CA GLN A 439 10.28 -16.35 17.58
C GLN A 439 9.48 -16.37 18.88
N ARG A 440 10.06 -15.81 19.95
CA ARG A 440 9.34 -15.69 21.21
C ARG A 440 8.16 -14.71 21.13
N LEU A 441 8.31 -13.60 20.41
CA LEU A 441 7.20 -12.63 20.26
C LEU A 441 6.04 -13.22 19.53
N ILE A 442 6.35 -13.97 18.48
CA ILE A 442 5.32 -14.64 17.72
C ILE A 442 4.57 -15.62 18.64
N ALA A 443 5.32 -16.41 19.42
CA ALA A 443 4.70 -17.44 20.28
C ALA A 443 3.79 -16.72 21.28
N ARG A 444 4.27 -15.62 21.81
CA ARG A 444 3.51 -14.85 22.77
C ARG A 444 2.27 -14.17 22.17
N ALA A 445 2.43 -13.58 20.99
CA ALA A 445 1.27 -13.03 20.24
C ALA A 445 0.18 -14.09 20.01
N ARG A 446 0.58 -15.31 19.64
CA ARG A 446 -0.34 -16.43 19.39
C ARG A 446 -1.13 -16.88 20.64
N GLU A 447 -0.49 -16.88 21.80
CA GLU A 447 -1.18 -17.19 23.07
C GLU A 447 -2.25 -16.14 23.36
N TRP A 448 -1.86 -14.87 23.24
CA TRP A 448 -2.81 -13.81 23.42
C TRP A 448 -3.94 -13.99 22.45
N GLY A 449 -3.59 -14.29 21.20
CA GLY A 449 -4.56 -14.53 20.15
C GLY A 449 -5.55 -15.63 20.48
N ALA A 450 -5.04 -16.75 20.99
CA ALA A 450 -5.92 -17.88 21.37
C ALA A 450 -6.91 -17.50 22.47
N LYS A 451 -6.47 -16.69 23.44
CA LYS A 451 -7.28 -16.32 24.60
C LYS A 451 -8.39 -15.36 24.19
N ILE A 452 -8.02 -14.35 23.40
CA ILE A 452 -8.94 -13.34 22.98
C ILE A 452 -10.03 -13.91 22.09
N ALA A 453 -9.66 -14.86 21.23
CA ALA A 453 -10.63 -15.46 20.32
C ALA A 453 -11.49 -16.53 21.01
N ALA A 454 -10.98 -17.11 22.10
CA ALA A 454 -11.69 -18.14 22.90
C ALA A 454 -12.77 -17.57 23.83
N PRO B 21 -4.45 -41.22 -8.19
CA PRO B 21 -3.32 -40.72 -7.37
C PRO B 21 -2.86 -39.34 -7.85
N PHE B 22 -2.73 -38.37 -6.94
CA PHE B 22 -2.46 -36.97 -7.35
C PHE B 22 -1.02 -36.78 -7.77
N ASP B 23 -0.75 -35.81 -8.63
CA ASP B 23 0.66 -35.41 -8.90
C ASP B 23 1.18 -34.67 -7.68
N LEU B 24 0.33 -33.83 -7.08
CA LEU B 24 0.73 -33.02 -5.95
C LEU B 24 -0.41 -32.84 -4.95
N LEU B 25 -0.10 -33.05 -3.68
CA LEU B 25 -1.03 -32.75 -2.61
C LEU B 25 -0.50 -31.64 -1.70
N LEU B 26 -1.26 -30.53 -1.64
CA LEU B 26 -0.90 -29.40 -0.77
C LEU B 26 -1.69 -29.41 0.51
N LEU B 27 -0.98 -29.25 1.64
CA LEU B 27 -1.58 -29.19 2.96
C LEU B 27 -1.29 -27.90 3.69
N PRO B 28 -2.07 -26.83 3.40
CA PRO B 28 -1.87 -25.53 4.05
C PRO B 28 -2.69 -25.45 5.30
N THR B 29 -2.39 -24.48 6.16
CA THR B 29 -3.23 -24.24 7.33
C THR B 29 -4.63 -23.82 6.89
N TRP B 30 -4.70 -22.96 5.87
CA TRP B 30 -6.00 -22.44 5.37
C TRP B 30 -6.07 -22.53 3.90
N ILE B 31 -7.24 -22.90 3.38
CA ILE B 31 -7.58 -22.75 1.97
C ILE B 31 -8.74 -21.75 1.87
N VAL B 32 -8.65 -20.75 0.97
CA VAL B 32 -9.79 -19.90 0.62
C VAL B 32 -10.20 -20.14 -0.84
N PRO B 33 -11.34 -20.84 -1.03
CA PRO B 33 -11.72 -21.25 -2.38
C PRO B 33 -12.39 -20.13 -3.18
N VAL B 34 -12.85 -19.08 -2.48
CA VAL B 34 -13.46 -17.89 -3.10
C VAL B 34 -14.88 -18.20 -3.54
N GLU B 35 -15.08 -19.37 -4.15
CA GLU B 35 -16.41 -19.97 -4.36
C GLU B 35 -16.50 -21.26 -3.58
N PRO B 36 -17.48 -21.37 -2.67
CA PRO B 36 -18.44 -20.29 -2.38
C PRO B 36 -17.80 -19.14 -1.61
N ALA B 37 -18.47 -17.98 -1.65
CA ALA B 37 -17.94 -16.76 -1.07
C ALA B 37 -17.87 -16.76 0.45
N GLY B 38 -16.88 -16.08 0.97
CA GLY B 38 -16.75 -15.86 2.42
C GLY B 38 -16.20 -16.99 3.27
N VAL B 39 -15.93 -18.14 2.68
CA VAL B 39 -15.50 -19.27 3.49
C VAL B 39 -13.98 -19.56 3.43
N VAL B 40 -13.50 -20.11 4.54
CA VAL B 40 -12.11 -20.47 4.72
C VAL B 40 -12.10 -21.89 5.30
N LEU B 41 -11.32 -22.79 4.69
CA LEU B 41 -11.22 -24.18 5.12
C LEU B 41 -9.94 -24.36 5.90
N ARG B 42 -10.08 -24.92 7.09
CA ARG B 42 -8.97 -25.14 7.98
C ARG B 42 -8.60 -26.64 7.96
N ASP B 43 -7.29 -26.94 7.97
CA ASP B 43 -6.78 -28.32 7.97
C ASP B 43 -7.35 -29.19 6.84
N HIS B 44 -7.53 -28.59 5.66
CA HIS B 44 -7.91 -29.31 4.47
C HIS B 44 -6.71 -29.48 3.57
N ALA B 45 -6.90 -30.07 2.40
CA ALA B 45 -5.82 -30.31 1.45
C ALA B 45 -6.38 -30.14 0.07
N LEU B 46 -5.51 -29.76 -0.87
CA LEU B 46 -5.90 -29.66 -2.24
C LEU B 46 -5.01 -30.60 -3.06
N GLY B 47 -5.65 -31.49 -3.81
CA GLY B 47 -4.95 -32.45 -4.66
C GLY B 47 -4.97 -31.95 -6.07
N ILE B 48 -3.81 -31.99 -6.72
CA ILE B 48 -3.67 -31.59 -8.10
C ILE B 48 -3.35 -32.79 -8.98
N ARG B 49 -4.01 -32.87 -10.14
CA ARG B 49 -3.67 -33.90 -11.10
C ARG B 49 -3.95 -33.42 -12.49
N ASP B 50 -3.01 -33.71 -13.38
CA ASP B 50 -3.09 -33.30 -14.81
C ASP B 50 -3.21 -31.79 -15.04
N GLY B 51 -2.71 -31.00 -14.09
CA GLY B 51 -2.76 -29.54 -14.20
C GLY B 51 -4.08 -28.94 -13.73
N GLN B 52 -4.86 -29.75 -13.00
CA GLN B 52 -6.18 -29.37 -12.57
C GLN B 52 -6.37 -29.65 -11.10
N ILE B 53 -7.34 -28.94 -10.52
CA ILE B 53 -7.70 -29.15 -9.14
C ILE B 53 -8.54 -30.41 -9.15
N ALA B 54 -8.00 -31.48 -8.57
CA ALA B 54 -8.67 -32.76 -8.63
C ALA B 54 -9.53 -32.96 -7.40
N LEU B 55 -9.11 -32.43 -6.26
CA LEU B 55 -9.90 -32.55 -5.04
C LEU B 55 -9.56 -31.53 -3.97
N VAL B 56 -10.58 -31.01 -3.30
CA VAL B 56 -10.40 -30.28 -2.07
C VAL B 56 -11.10 -31.09 -0.96
N ALA B 57 -10.40 -31.40 0.12
CA ALA B 57 -10.93 -32.34 1.10
C ALA B 57 -10.23 -32.22 2.45
N PRO B 58 -10.84 -32.76 3.53
CA PRO B 58 -10.09 -32.75 4.79
C PRO B 58 -8.78 -33.55 4.65
N ARG B 59 -7.79 -33.23 5.48
CA ARG B 59 -6.44 -33.81 5.30
C ARG B 59 -6.43 -35.34 5.38
N GLU B 60 -7.07 -35.89 6.40
CA GLU B 60 -7.11 -37.35 6.54
C GLU B 60 -7.59 -38.00 5.25
N GLN B 61 -8.72 -37.54 4.73
CA GLN B 61 -9.30 -38.10 3.51
C GLN B 61 -8.42 -37.91 2.29
N ALA B 62 -7.79 -36.74 2.18
CA ALA B 62 -6.95 -36.42 1.02
C ALA B 62 -5.65 -37.23 1.05
N MET B 63 -5.07 -37.37 2.25
CA MET B 63 -3.86 -38.18 2.46
C MET B 63 -4.06 -39.67 2.17
N ARG B 64 -5.20 -40.22 2.59
CA ARG B 64 -5.56 -41.60 2.27
C ARG B 64 -5.58 -41.85 0.76
N HIS B 65 -5.79 -40.80 -0.03
CA HIS B 65 -5.86 -40.93 -1.49
C HIS B 65 -4.48 -41.09 -2.08
N GLY B 66 -3.46 -40.52 -1.44
CA GLY B 66 -2.09 -40.61 -1.96
C GLY B 66 -1.74 -39.70 -3.14
N ALA B 67 -0.44 -39.45 -3.28
CA ALA B 67 0.09 -38.52 -4.27
C ALA B 67 1.54 -38.78 -4.54
N THR B 68 1.98 -38.53 -5.76
CA THR B 68 3.39 -38.60 -6.13
C THR B 68 4.21 -37.76 -5.17
N GLU B 69 3.72 -36.55 -4.87
CA GLU B 69 4.41 -35.63 -4.00
C GLU B 69 3.44 -34.93 -3.06
N ILE B 70 3.89 -34.66 -1.83
CA ILE B 70 3.11 -34.03 -0.78
C ILE B 70 3.90 -32.85 -0.24
N ARG B 71 3.24 -31.71 -0.06
CA ARG B 71 3.91 -30.54 0.52
C ARG B 71 3.08 -29.96 1.65
N GLU B 72 3.58 -30.07 2.88
CA GLU B 72 2.99 -29.44 4.05
C GLU B 72 3.25 -27.94 3.95
N LEU B 73 2.27 -27.12 4.34
CA LEU B 73 2.42 -25.66 4.25
C LEU B 73 1.88 -25.03 5.51
N PRO B 74 2.48 -25.36 6.66
CA PRO B 74 1.88 -24.82 7.87
C PRO B 74 1.99 -23.31 7.85
N GLY B 75 1.01 -22.63 8.45
CA GLY B 75 1.05 -21.16 8.53
C GLY B 75 0.72 -20.46 7.21
N MET B 76 0.40 -21.25 6.17
CA MET B 76 0.09 -20.67 4.87
C MET B 76 -1.38 -20.68 4.52
N LEU B 77 -1.76 -19.68 3.75
CA LEU B 77 -3.08 -19.57 3.21
C LEU B 77 -3.00 -19.84 1.69
N LEU B 78 -3.76 -20.83 1.22
CA LEU B 78 -3.77 -21.17 -0.19
C LEU B 78 -5.02 -20.60 -0.87
N ALA B 79 -4.80 -19.81 -1.92
CA ALA B 79 -5.85 -19.14 -2.66
C ALA B 79 -5.71 -19.36 -4.16
N PRO B 80 -6.75 -18.98 -4.93
CA PRO B 80 -6.61 -18.91 -6.37
C PRO B 80 -5.53 -17.87 -6.66
N GLY B 81 -4.76 -18.12 -7.70
CA GLY B 81 -3.77 -17.13 -8.20
C GLY B 81 -4.43 -15.78 -8.47
N LEU B 82 -3.70 -14.71 -8.19
CA LEU B 82 -4.18 -13.35 -8.46
C LEU B 82 -4.24 -13.07 -9.97
N VAL B 83 -5.23 -12.29 -10.38
CA VAL B 83 -5.42 -12.00 -11.80
C VAL B 83 -5.29 -10.51 -11.98
N ASN B 84 -4.19 -10.08 -12.60
CA ASN B 84 -3.98 -8.66 -12.83
C ASN B 84 -4.66 -8.25 -14.13
N ALA B 85 -5.86 -7.65 -14.01
CA ALA B 85 -6.69 -7.57 -15.16
C ALA B 85 -6.36 -6.43 -16.09
N HIS B 86 -5.36 -5.61 -15.79
CA HIS B 86 -5.01 -4.52 -16.70
C HIS B 86 -3.62 -4.05 -16.47
N GLY B 87 -2.83 -3.99 -17.52
CA GLY B 87 -1.44 -3.54 -17.38
C GLY B 87 -0.78 -3.30 -18.71
N HIS B 88 0.45 -2.81 -18.68
CA HIS B 88 1.19 -2.47 -19.89
C HIS B 88 2.59 -2.90 -19.52
N SER B 89 2.81 -4.20 -19.59
CA SER B 89 3.82 -4.83 -18.76
C SER B 89 5.24 -4.29 -19.01
N ALA B 90 5.62 -4.06 -20.28
CA ALA B 90 6.98 -3.61 -20.61
C ALA B 90 7.28 -2.18 -20.18
N MET B 91 6.26 -1.39 -19.75
CA MET B 91 6.52 -0.11 -19.12
C MET B 91 7.30 -0.26 -17.80
N SER B 92 7.47 -1.49 -17.34
CA SER B 92 8.40 -1.75 -16.23
C SER B 92 9.78 -1.06 -16.43
N LEU B 93 10.23 -0.98 -17.69
CA LEU B 93 11.52 -0.37 -18.01
C LEU B 93 11.48 1.15 -17.94
N PHE B 94 10.29 1.70 -17.81
CA PHE B 94 10.05 3.11 -17.54
C PHE B 94 9.61 3.41 -16.07
N ARG B 95 9.89 2.52 -15.14
CA ARG B 95 9.42 2.66 -13.75
C ARG B 95 9.93 3.95 -13.13
N GLY B 96 9.00 4.84 -12.77
CA GLY B 96 9.37 6.09 -12.15
C GLY B 96 9.92 7.16 -13.09
N LEU B 97 9.94 6.88 -14.39
CA LEU B 97 10.39 7.84 -15.38
C LEU B 97 9.50 9.06 -15.50
N ALA B 98 8.23 8.97 -15.11
CA ALA B 98 7.32 10.10 -15.37
C ALA B 98 6.33 10.37 -14.25
N ASP B 99 6.83 10.87 -13.12
CA ASP B 99 5.98 11.18 -11.96
C ASP B 99 5.43 12.61 -12.05
N ASP B 100 4.47 12.93 -11.17
CA ASP B 100 3.96 14.31 -10.98
C ASP B 100 3.16 14.91 -12.16
N LEU B 101 2.56 14.06 -13.01
CA LEU B 101 1.92 14.52 -14.25
C LEU B 101 0.50 14.02 -14.35
N PRO B 102 -0.44 14.90 -14.71
CA PRO B 102 -1.79 14.40 -14.97
C PRO B 102 -1.81 13.72 -16.36
N LEU B 103 -2.87 12.95 -16.60
CA LEU B 103 -2.97 12.03 -17.76
C LEU B 103 -2.48 12.59 -19.11
N MET B 104 -3.03 13.74 -19.51
CA MET B 104 -2.81 14.20 -20.88
C MET B 104 -1.40 14.66 -21.17
N THR B 105 -0.78 15.36 -20.22
CA THR B 105 0.62 15.75 -20.38
CA THR B 105 0.61 15.73 -20.41
C THR B 105 1.53 14.54 -20.13
N TRP B 106 1.09 13.62 -19.27
CA TRP B 106 1.84 12.36 -19.07
C TRP B 106 2.00 11.58 -20.40
N LEU B 107 0.91 11.43 -21.11
CA LEU B 107 0.91 10.77 -22.40
C LEU B 107 1.69 11.55 -23.46
N GLN B 108 1.25 12.78 -23.71
CA GLN B 108 1.71 13.55 -24.87
C GLN B 108 3.14 14.03 -24.74
N ASP B 109 3.52 14.46 -23.54
CA ASP B 109 4.83 15.06 -23.39
C ASP B 109 5.92 14.14 -22.83
N HIS B 110 5.58 12.91 -22.42
CA HIS B 110 6.59 12.08 -21.75
C HIS B 110 6.57 10.68 -22.25
N ILE B 111 5.42 10.05 -22.06
CA ILE B 111 5.28 8.63 -22.34
C ILE B 111 5.29 8.34 -23.85
N TRP B 112 4.43 9.00 -24.60
CA TRP B 112 4.40 8.79 -26.05
C TRP B 112 5.74 9.09 -26.71
N PRO B 113 6.36 10.24 -26.41
CA PRO B 113 7.70 10.50 -26.92
C PRO B 113 8.71 9.44 -26.48
N ALA B 114 8.63 8.94 -25.25
CA ALA B 114 9.59 7.92 -24.83
C ALA B 114 9.27 6.59 -25.49
N GLU B 115 7.99 6.33 -25.75
CA GLU B 115 7.63 5.12 -26.49
C GLU B 115 8.12 5.17 -27.98
N GLY B 116 7.95 6.32 -28.63
CA GLY B 116 8.42 6.50 -30.00
C GLY B 116 9.91 6.29 -30.13
N GLN B 117 10.66 6.64 -29.08
CA GLN B 117 12.12 6.55 -29.08
C GLN B 117 12.68 5.17 -28.72
N TRP B 118 12.07 4.50 -27.75
CA TRP B 118 12.73 3.35 -27.13
C TRP B 118 12.15 2.02 -27.43
N VAL B 119 10.87 1.99 -27.74
CA VAL B 119 10.13 0.73 -27.75
C VAL B 119 10.34 -0.01 -29.06
N SER B 120 11.18 -1.04 -29.00
CA SER B 120 11.43 -1.98 -30.07
C SER B 120 10.98 -3.34 -29.58
N GLU B 121 11.05 -4.36 -30.44
CA GLU B 121 10.83 -5.74 -30.02
C GLU B 121 11.75 -6.21 -28.89
N ASP B 122 12.99 -5.71 -28.85
CA ASP B 122 13.92 -6.08 -27.78
C ASP B 122 13.50 -5.47 -26.42
N PHE B 123 13.09 -4.20 -26.45
CA PHE B 123 12.53 -3.50 -25.31
C PHE B 123 11.35 -4.31 -24.73
N ILE B 124 10.48 -4.76 -25.62
CA ILE B 124 9.27 -5.48 -25.25
C ILE B 124 9.58 -6.81 -24.66
N ARG B 125 10.51 -7.57 -25.26
CA ARG B 125 10.87 -8.86 -24.65
C ARG B 125 11.49 -8.70 -23.25
N ASP B 126 12.39 -7.74 -23.10
CA ASP B 126 13.06 -7.59 -21.81
C ASP B 126 12.06 -7.04 -20.77
N GLY B 127 11.25 -6.06 -21.18
CA GLY B 127 10.37 -5.33 -20.25
C GLY B 127 9.25 -6.23 -19.80
N THR B 128 8.72 -7.06 -20.71
CA THR B 128 7.67 -8.00 -20.38
C THR B 128 8.16 -9.08 -19.45
N GLU B 129 9.36 -9.59 -19.70
CA GLU B 129 9.86 -10.62 -18.81
C GLU B 129 10.15 -10.07 -17.40
N LEU B 130 10.71 -8.87 -17.33
CA LEU B 130 10.90 -8.19 -16.03
C LEU B 130 9.54 -8.07 -15.25
N ALA B 131 8.50 -7.68 -15.99
CA ALA B 131 7.16 -7.48 -15.43
C ALA B 131 6.55 -8.79 -14.94
N ILE B 132 6.59 -9.81 -15.78
CA ILE B 132 6.17 -11.14 -15.39
C ILE B 132 6.88 -11.66 -14.13
N ALA B 133 8.21 -11.49 -14.11
CA ALA B 133 9.01 -11.96 -12.98
C ALA B 133 8.56 -11.25 -11.69
N GLU B 134 8.34 -9.94 -11.78
CA GLU B 134 7.82 -9.17 -10.64
C GLU B 134 6.41 -9.64 -10.18
N GLN B 135 5.55 -9.94 -11.16
CA GLN B 135 4.17 -10.32 -10.91
C GLN B 135 4.09 -11.71 -10.31
N VAL B 136 4.88 -12.66 -10.84
CA VAL B 136 4.84 -14.02 -10.31
C VAL B 136 5.29 -13.97 -8.87
N LYS B 137 6.28 -13.14 -8.56
CA LYS B 137 6.79 -13.06 -7.19
C LYS B 137 5.74 -12.50 -6.19
N GLY B 138 4.81 -11.69 -6.70
CA GLY B 138 3.74 -11.19 -5.88
C GLY B 138 2.42 -11.97 -6.07
N GLY B 139 2.49 -13.23 -6.53
CA GLY B 139 1.32 -14.12 -6.54
C GLY B 139 0.36 -13.98 -7.73
N ILE B 140 0.80 -13.32 -8.79
CA ILE B 140 -0.06 -13.13 -9.94
C ILE B 140 0.20 -14.21 -11.00
N THR B 141 -0.85 -15.00 -11.26
CA THR B 141 -0.82 -16.15 -12.17
C THR B 141 -1.40 -15.81 -13.54
N CYS B 142 -2.26 -14.78 -13.60
CA CYS B 142 -2.83 -14.38 -14.87
C CYS B 142 -2.79 -12.88 -14.99
N PHE B 143 -2.49 -12.37 -16.19
CA PHE B 143 -2.42 -10.94 -16.35
C PHE B 143 -2.97 -10.51 -17.70
N SER B 144 -3.42 -9.26 -17.79
CA SER B 144 -3.87 -8.76 -19.05
C SER B 144 -2.83 -7.77 -19.54
N ASP B 145 -2.44 -7.83 -20.80
CA ASP B 145 -1.49 -6.84 -21.32
C ASP B 145 -2.03 -6.06 -22.52
N MET B 146 -1.79 -4.76 -22.50
CA MET B 146 -2.22 -3.82 -23.53
C MET B 146 -0.98 -3.05 -23.92
N TYR B 147 -0.18 -3.62 -24.80
CA TYR B 147 1.04 -2.93 -25.15
C TYR B 147 1.61 -3.47 -26.46
N PHE B 148 2.69 -2.86 -26.94
CA PHE B 148 3.19 -3.06 -28.30
C PHE B 148 3.92 -4.37 -28.56
N TYR B 149 4.04 -4.74 -29.85
CA TYR B 149 4.64 -6.03 -30.24
C TYR B 149 4.05 -7.23 -29.52
N PRO B 150 2.72 -7.43 -29.64
CA PRO B 150 2.02 -8.55 -28.96
C PRO B 150 2.61 -9.92 -29.26
N GLN B 151 3.17 -10.07 -30.46
CA GLN B 151 3.76 -11.31 -30.87
C GLN B 151 4.91 -11.62 -29.95
N ALA B 152 5.77 -10.63 -29.73
CA ALA B 152 6.85 -10.79 -28.77
C ALA B 152 6.33 -10.99 -27.34
N ILE B 153 5.26 -10.29 -26.96
CA ILE B 153 4.71 -10.46 -25.61
C ILE B 153 4.31 -11.93 -25.42
N CYS B 154 3.71 -12.53 -26.46
CA CYS B 154 3.24 -13.93 -26.35
C CYS B 154 4.39 -14.91 -26.21
N GLY B 155 5.55 -14.61 -26.79
CA GLY B 155 6.69 -15.54 -26.71
C GLY B 155 7.19 -15.55 -25.28
N VAL B 156 7.29 -14.36 -24.72
CA VAL B 156 7.75 -14.21 -23.33
C VAL B 156 6.71 -14.84 -22.38
N VAL B 157 5.42 -14.61 -22.65
CA VAL B 157 4.37 -15.24 -21.82
C VAL B 157 4.48 -16.77 -21.91
N HIS B 158 4.59 -17.25 -23.14
CA HIS B 158 4.67 -18.67 -23.37
C HIS B 158 5.77 -19.26 -22.54
N ASP B 159 6.98 -18.69 -22.64
CA ASP B 159 8.15 -19.24 -21.90
C ASP B 159 7.94 -19.15 -20.41
N SER B 160 7.33 -18.07 -19.94
CA SER B 160 7.17 -17.89 -18.48
C SER B 160 6.30 -18.96 -17.79
N GLY B 161 5.37 -19.55 -18.51
CA GLY B 161 4.41 -20.48 -17.91
C GLY B 161 3.15 -19.81 -17.33
N VAL B 162 3.06 -18.49 -17.41
CA VAL B 162 1.88 -17.82 -16.84
CA VAL B 162 1.92 -17.76 -16.84
C VAL B 162 0.76 -17.68 -17.86
N ARG B 163 -0.42 -17.29 -17.39
CA ARG B 163 -1.59 -17.15 -18.20
C ARG B 163 -1.74 -15.67 -18.57
N ALA B 164 -2.23 -15.37 -19.76
CA ALA B 164 -2.38 -13.98 -20.19
C ALA B 164 -3.49 -13.77 -21.18
N GLN B 165 -4.12 -12.62 -21.08
CA GLN B 165 -4.83 -12.05 -22.22
C GLN B 165 -3.85 -11.03 -22.79
N VAL B 166 -3.62 -11.07 -24.09
CA VAL B 166 -2.80 -10.09 -24.74
C VAL B 166 -3.73 -9.35 -25.69
N ALA B 167 -3.92 -8.05 -25.43
CA ALA B 167 -4.75 -7.17 -26.26
C ALA B 167 -3.93 -6.48 -27.36
N ILE B 168 -4.42 -6.58 -28.60
CA ILE B 168 -3.84 -5.93 -29.77
C ILE B 168 -4.09 -4.42 -29.69
N PRO B 169 -2.99 -3.63 -29.60
CA PRO B 169 -3.14 -2.17 -29.50
C PRO B 169 -3.68 -1.54 -30.76
N VAL B 170 -4.83 -0.89 -30.64
CA VAL B 170 -5.41 -0.20 -31.77
C VAL B 170 -5.50 1.29 -31.47
N LEU B 171 -4.78 2.07 -32.24
CA LEU B 171 -4.76 3.52 -32.09
C LEU B 171 -4.87 4.23 -33.43
N ASP B 172 -5.38 5.45 -33.41
CA ASP B 172 -5.58 6.25 -34.63
C ASP B 172 -4.30 6.77 -35.29
N PHE B 173 -3.13 6.36 -34.80
CA PHE B 173 -1.85 6.89 -35.29
C PHE B 173 -0.74 5.83 -35.21
N PRO B 174 0.46 6.12 -35.77
CA PRO B 174 1.48 5.08 -35.78
C PRO B 174 1.99 4.76 -34.37
N ILE B 175 2.12 3.48 -34.06
CA ILE B 175 2.63 3.02 -32.77
C ILE B 175 3.84 2.10 -33.03
N PRO B 176 4.64 1.80 -31.98
CA PRO B 176 5.75 0.87 -32.17
C PRO B 176 5.27 -0.46 -32.73
N GLY B 177 5.82 -0.84 -33.89
CA GLY B 177 5.48 -2.09 -34.56
C GLY B 177 4.26 -2.09 -35.46
N ALA B 178 3.58 -0.95 -35.58
CA ALA B 178 2.35 -0.86 -36.40
C ALA B 178 2.13 0.53 -36.94
N ARG B 179 2.35 0.70 -38.24
CA ARG B 179 2.29 2.04 -38.83
C ARG B 179 0.88 2.57 -38.73
N ASP B 180 -0.08 1.66 -38.64
CA ASP B 180 -1.48 2.05 -38.49
C ASP B 180 -2.30 0.88 -38.05
N SER B 181 -3.57 1.11 -37.76
CA SER B 181 -4.40 0.05 -37.15
C SER B 181 -4.63 -1.17 -38.05
N ALA B 182 -4.81 -0.98 -39.35
CA ALA B 182 -4.97 -2.10 -40.29
C ALA B 182 -3.79 -3.06 -40.17
N GLU B 183 -2.59 -2.52 -40.05
CA GLU B 183 -1.44 -3.39 -39.84
C GLU B 183 -1.46 -4.06 -38.46
N ALA B 184 -1.94 -3.32 -37.46
CA ALA B 184 -2.00 -3.87 -36.09
C ALA B 184 -3.00 -5.04 -36.04
N ILE B 185 -4.17 -4.79 -36.61
CA ILE B 185 -5.22 -5.81 -36.79
C ILE B 185 -4.78 -7.04 -37.62
N ARG B 186 -4.09 -6.79 -38.74
CA ARG B 186 -3.62 -7.89 -39.57
C ARG B 186 -2.64 -8.73 -38.76
N GLN B 187 -1.70 -8.07 -38.06
CA GLN B 187 -0.76 -8.79 -37.20
C GLN B 187 -1.51 -9.53 -36.11
N GLY B 188 -2.62 -8.93 -35.66
CA GLY B 188 -3.52 -9.51 -34.67
C GLY B 188 -4.15 -10.82 -35.12
N MET B 189 -4.64 -10.83 -36.36
CA MET B 189 -5.21 -12.03 -36.98
C MET B 189 -4.18 -13.16 -37.03
N ALA B 190 -2.99 -12.85 -37.55
CA ALA B 190 -1.93 -13.85 -37.57
C ALA B 190 -1.81 -14.43 -36.17
N LEU B 191 -1.80 -13.55 -35.16
CA LEU B 191 -1.68 -14.00 -33.76
C LEU B 191 -2.85 -14.86 -33.30
N PHE B 192 -4.08 -14.38 -33.51
CA PHE B 192 -5.26 -15.21 -33.23
C PHE B 192 -5.12 -16.60 -33.77
N ASP B 193 -4.68 -16.68 -35.04
CA ASP B 193 -4.48 -17.92 -35.77
C ASP B 193 -3.60 -18.88 -34.99
N ASP B 194 -2.34 -18.47 -34.83
CA ASP B 194 -1.30 -19.26 -34.19
C ASP B 194 -1.69 -19.79 -32.84
N LEU B 195 -2.40 -18.98 -32.06
CA LEU B 195 -2.61 -19.32 -30.67
C LEU B 195 -3.97 -19.93 -30.40
N LYS B 196 -4.73 -20.21 -31.46
CA LYS B 196 -6.04 -20.85 -31.36
C LYS B 196 -6.08 -21.99 -30.33
N HIS B 197 -5.02 -22.78 -30.27
CA HIS B 197 -4.98 -23.91 -29.35
C HIS B 197 -3.92 -23.86 -28.26
N HIS B 198 -3.59 -22.65 -27.81
CA HIS B 198 -2.67 -22.47 -26.69
C HIS B 198 -3.38 -22.62 -25.36
N PRO B 199 -2.78 -23.38 -24.41
CA PRO B 199 -3.52 -23.61 -23.15
C PRO B 199 -3.58 -22.39 -22.22
N ARG B 200 -2.83 -21.33 -22.53
CA ARG B 200 -2.61 -20.29 -21.54
C ARG B 200 -2.75 -18.87 -22.05
N ILE B 201 -2.68 -18.65 -23.36
CA ILE B 201 -2.71 -17.30 -23.90
C ILE B 201 -4.00 -17.06 -24.67
N ARG B 202 -4.67 -15.95 -24.40
CA ARG B 202 -5.84 -15.53 -25.18
C ARG B 202 -5.54 -14.19 -25.82
N ILE B 203 -5.87 -14.05 -27.09
CA ILE B 203 -5.71 -12.76 -27.79
C ILE B 203 -7.02 -12.01 -27.67
N ALA B 204 -6.93 -10.69 -27.53
CA ALA B 204 -8.07 -9.81 -27.39
C ALA B 204 -7.71 -8.57 -28.18
N PHE B 205 -8.67 -7.66 -28.33
CA PHE B 205 -8.44 -6.32 -28.87
C PHE B 205 -8.33 -5.19 -27.83
N GLY B 206 -7.43 -4.25 -28.14
CA GLY B 206 -7.01 -3.18 -27.22
C GLY B 206 -7.12 -1.77 -27.80
N PRO B 207 -8.33 -1.36 -28.21
CA PRO B 207 -8.48 0.07 -28.53
C PRO B 207 -8.13 0.91 -27.29
N HIS B 208 -7.22 1.85 -27.47
CA HIS B 208 -6.62 2.59 -26.37
C HIS B 208 -7.59 3.30 -25.47
N ALA B 209 -8.32 4.27 -26.05
CA ALA B 209 -9.18 5.20 -25.29
C ALA B 209 -10.21 5.80 -26.26
N PRO B 210 -11.33 6.38 -25.76
CA PRO B 210 -12.24 7.05 -26.72
C PRO B 210 -11.59 8.07 -27.66
N TYR B 211 -10.63 8.84 -27.15
CA TYR B 211 -10.06 10.00 -27.84
C TYR B 211 -8.90 9.61 -28.74
N THR B 212 -8.57 8.32 -28.82
CA THR B 212 -7.48 7.90 -29.73
C THR B 212 -7.92 6.79 -30.72
N VAL B 213 -9.22 6.51 -30.77
CA VAL B 213 -9.74 5.53 -31.73
CA VAL B 213 -9.78 5.49 -31.68
C VAL B 213 -11.07 6.01 -32.36
N SER B 214 -11.16 5.89 -33.69
CA SER B 214 -12.36 6.37 -34.42
C SER B 214 -13.55 5.41 -34.34
N ASP B 215 -14.75 5.94 -34.63
CA ASP B 215 -15.94 5.09 -34.81
C ASP B 215 -15.74 3.92 -35.78
N ASP B 216 -15.07 4.17 -36.89
CA ASP B 216 -14.79 3.11 -37.85
C ASP B 216 -13.95 1.96 -37.29
N LYS B 217 -12.81 2.27 -36.68
CA LYS B 217 -11.97 1.22 -36.08
C LYS B 217 -12.70 0.46 -34.97
N LEU B 218 -13.48 1.18 -34.18
CA LEU B 218 -14.27 0.54 -33.14
C LEU B 218 -15.26 -0.46 -33.71
N GLU B 219 -15.92 -0.13 -34.82
CA GLU B 219 -16.82 -1.10 -35.49
C GLU B 219 -16.09 -2.32 -36.08
N GLN B 220 -14.90 -2.11 -36.63
CA GLN B 220 -14.15 -3.24 -37.16
C GLN B 220 -13.80 -4.19 -36.06
N ILE B 221 -13.47 -3.61 -34.89
CA ILE B 221 -13.12 -4.40 -33.72
C ILE B 221 -14.32 -5.20 -33.26
N LEU B 222 -15.48 -4.53 -33.16
CA LEU B 222 -16.72 -5.25 -32.81
C LEU B 222 -16.96 -6.48 -33.71
N VAL B 223 -16.96 -6.27 -35.01
CA VAL B 223 -17.24 -7.37 -35.96
C VAL B 223 -16.22 -8.49 -35.80
N LEU B 224 -14.94 -8.13 -35.76
CA LEU B 224 -13.89 -9.12 -35.51
C LEU B 224 -14.15 -9.91 -34.23
N THR B 225 -14.60 -9.24 -33.17
CA THR B 225 -14.84 -9.94 -31.90
C THR B 225 -16.12 -10.76 -31.92
N GLU B 226 -17.11 -10.32 -32.67
CA GLU B 226 -18.25 -11.20 -32.94
C GLU B 226 -17.75 -12.48 -33.64
N GLU B 227 -16.97 -12.30 -34.70
CA GLU B 227 -16.50 -13.38 -35.54
C GLU B 227 -15.59 -14.36 -34.82
N LEU B 228 -14.73 -13.84 -33.95
CA LEU B 228 -13.69 -14.63 -33.29
C LEU B 228 -14.10 -14.98 -31.88
N ASP B 229 -15.20 -14.41 -31.39
CA ASP B 229 -15.64 -14.58 -29.99
C ASP B 229 -14.57 -14.06 -29.02
N ALA B 230 -14.04 -12.88 -29.31
CA ALA B 230 -12.91 -12.32 -28.58
C ALA B 230 -13.35 -11.16 -27.67
N SER B 231 -12.49 -10.81 -26.71
CA SER B 231 -12.73 -9.70 -25.82
C SER B 231 -12.23 -8.34 -26.32
N ILE B 232 -12.77 -7.30 -25.70
CA ILE B 232 -12.27 -5.94 -25.94
C ILE B 232 -11.85 -5.30 -24.61
N GLN B 233 -10.66 -4.71 -24.56
CA GLN B 233 -10.28 -3.98 -23.37
C GLN B 233 -10.00 -2.55 -23.76
N MET B 234 -10.52 -1.59 -22.99
CA MET B 234 -10.31 -0.19 -23.33
C MET B 234 -10.33 0.72 -22.10
N HIS B 235 -9.51 1.78 -22.12
CA HIS B 235 -9.62 2.83 -21.09
C HIS B 235 -10.83 3.66 -21.37
N VAL B 236 -11.75 3.71 -20.40
CA VAL B 236 -12.96 4.47 -20.55
C VAL B 236 -13.21 5.31 -19.29
N HIS B 237 -13.53 6.60 -19.48
CA HIS B 237 -14.04 7.49 -18.43
C HIS B 237 -13.01 7.62 -17.35
N GLU B 238 -11.76 7.73 -17.80
CA GLU B 238 -10.67 7.86 -16.89
C GLU B 238 -10.68 9.18 -16.13
N THR B 239 -11.04 10.27 -16.83
CA THR B 239 -10.95 11.63 -16.30
C THR B 239 -12.24 12.41 -16.60
N ALA B 240 -12.57 13.35 -15.72
CA ALA B 240 -13.68 14.27 -15.94
C ALA B 240 -13.49 14.98 -17.26
N PHE B 241 -12.26 15.36 -17.54
CA PHE B 241 -11.92 16.10 -18.76
C PHE B 241 -12.21 15.28 -20.07
N GLU B 242 -11.95 13.98 -20.05
CA GLU B 242 -12.29 13.11 -21.19
C GLU B 242 -13.80 13.16 -21.46
N VAL B 243 -14.58 13.07 -20.39
CA VAL B 243 -16.03 13.00 -20.49
C VAL B 243 -16.58 14.37 -20.93
N GLU B 244 -16.20 15.44 -20.23
CA GLU B 244 -16.66 16.81 -20.55
C GLU B 244 -16.27 17.22 -21.97
N GLN B 245 -15.04 16.92 -22.38
CA GLN B 245 -14.57 17.13 -23.75
C GLN B 245 -15.42 16.38 -24.80
N ALA B 246 -15.73 15.13 -24.52
CA ALA B 246 -16.57 14.34 -25.40
C ALA B 246 -18.01 14.89 -25.44
N MET B 247 -18.50 15.36 -24.30
CA MET B 247 -19.82 15.98 -24.18
C MET B 247 -19.88 17.28 -24.99
N GLU B 248 -18.82 18.07 -24.96
CA GLU B 248 -18.79 19.35 -25.68
C GLU B 248 -18.52 19.21 -27.16
N ARG B 249 -17.78 18.17 -27.56
CA ARG B 249 -17.48 18.01 -28.97
C ARG B 249 -18.43 17.11 -29.76
N ASN B 250 -19.14 16.22 -29.08
CA ASN B 250 -19.99 15.20 -29.72
C ASN B 250 -21.33 15.05 -29.08
N GLY B 251 -21.56 15.79 -28.01
CA GLY B 251 -22.83 15.71 -27.33
C GLY B 251 -23.23 14.33 -26.82
N GLU B 252 -22.25 13.46 -26.53
CA GLU B 252 -22.55 12.18 -25.86
C GLU B 252 -21.32 11.70 -25.05
N ARG B 253 -21.59 11.10 -23.89
CA ARG B 253 -20.50 10.59 -23.05
C ARG B 253 -19.81 9.46 -23.76
N PRO B 254 -18.50 9.28 -23.52
CA PRO B 254 -17.80 8.23 -24.26
C PRO B 254 -18.42 6.84 -24.07
N LEU B 255 -18.96 6.56 -22.88
CA LEU B 255 -19.60 5.25 -22.65
C LEU B 255 -20.88 5.06 -23.51
N ALA B 256 -21.68 6.13 -23.66
CA ALA B 256 -22.90 6.03 -24.48
C ALA B 256 -22.53 5.84 -25.96
N ARG B 257 -21.45 6.51 -26.39
CA ARG B 257 -20.86 6.30 -27.71
C ARG B 257 -20.53 4.81 -27.95
N LEU B 258 -19.80 4.22 -27.01
CA LEU B 258 -19.52 2.79 -27.06
C LEU B 258 -20.79 1.92 -27.07
N HIS B 259 -21.80 2.35 -26.31
CA HIS B 259 -23.04 1.59 -26.23
C HIS B 259 -23.76 1.70 -27.56
N ARG B 260 -23.82 2.91 -28.11
CA ARG B 260 -24.42 3.19 -29.42
C ARG B 260 -23.72 2.40 -30.55
N LEU B 261 -22.41 2.24 -30.46
CA LEU B 261 -21.64 1.55 -31.49
C LEU B 261 -21.73 0.01 -31.32
N GLY B 262 -22.27 -0.43 -30.18
CA GLY B 262 -22.58 -1.81 -29.96
C GLY B 262 -21.45 -2.63 -29.35
N LEU B 263 -20.39 -1.98 -28.87
CA LEU B 263 -19.25 -2.64 -28.25
C LEU B 263 -19.48 -3.19 -26.85
N LEU B 264 -20.44 -2.64 -26.11
CA LEU B 264 -20.64 -3.09 -24.72
C LEU B 264 -21.24 -4.48 -24.66
N GLY B 265 -20.85 -5.24 -23.65
CA GLY B 265 -21.31 -6.60 -23.50
C GLY B 265 -20.37 -7.35 -22.55
N PRO B 266 -20.67 -8.62 -22.30
CA PRO B 266 -19.95 -9.38 -21.29
C PRO B 266 -18.48 -9.60 -21.64
N ARG B 267 -18.08 -9.29 -22.86
CA ARG B 267 -16.68 -9.48 -23.27
C ARG B 267 -15.99 -8.11 -23.36
N PHE B 268 -16.69 -7.06 -22.92
CA PHE B 268 -16.10 -5.73 -22.89
C PHE B 268 -15.57 -5.37 -21.47
N GLN B 269 -14.33 -4.92 -21.46
CA GLN B 269 -13.58 -4.68 -20.23
C GLN B 269 -13.27 -3.19 -20.20
N ALA B 270 -14.05 -2.44 -19.43
CA ALA B 270 -13.87 -0.98 -19.35
C ALA B 270 -12.97 -0.65 -18.17
N VAL B 271 -11.77 -0.22 -18.49
CA VAL B 271 -10.75 0.11 -17.52
C VAL B 271 -10.89 1.55 -17.03
N HIS B 272 -10.79 1.73 -15.70
CA HIS B 272 -10.78 3.02 -15.03
C HIS B 272 -12.14 3.42 -14.52
N MET B 273 -12.95 3.98 -15.41
CA MET B 273 -14.30 4.41 -15.07
C MET B 273 -14.37 5.21 -13.77
N THR B 274 -13.63 6.31 -13.69
CA THR B 274 -13.70 7.12 -12.48
C THR B 274 -14.98 7.99 -12.56
N GLN B 275 -15.49 8.18 -13.77
CA GLN B 275 -16.65 9.07 -14.05
C GLN B 275 -17.81 8.18 -14.41
N VAL B 276 -18.78 8.07 -13.50
CA VAL B 276 -19.91 7.19 -13.70
C VAL B 276 -21.17 7.95 -13.30
N ASP B 277 -22.01 8.35 -14.26
CA ASP B 277 -23.31 8.90 -13.87
C ASP B 277 -24.34 7.79 -13.92
N ASN B 278 -25.59 8.11 -13.63
CA ASN B 278 -26.61 7.07 -13.55
C ASN B 278 -26.95 6.36 -14.86
N ASP B 279 -26.87 7.10 -15.96
CA ASP B 279 -26.95 6.50 -17.29
C ASP B 279 -25.78 5.52 -17.51
N ASP B 280 -24.56 5.94 -17.16
CA ASP B 280 -23.37 5.05 -17.25
C ASP B 280 -23.64 3.74 -16.52
N LEU B 281 -24.14 3.86 -15.29
CA LEU B 281 -24.38 2.71 -14.47
C LEU B 281 -25.42 1.82 -15.12
N ALA B 282 -26.50 2.41 -15.64
CA ALA B 282 -27.54 1.64 -16.30
C ALA B 282 -26.96 0.85 -17.50
N MET B 283 -26.15 1.50 -18.34
CA MET B 283 -25.52 0.79 -19.44
C MET B 283 -24.66 -0.41 -19.07
N LEU B 284 -23.88 -0.26 -17.99
CA LEU B 284 -22.97 -1.30 -17.56
C LEU B 284 -23.79 -2.48 -17.02
N VAL B 285 -24.83 -2.17 -16.24
CA VAL B 285 -25.78 -3.16 -15.74
C VAL B 285 -26.46 -3.92 -16.89
N GLU B 286 -27.08 -3.18 -17.84
CA GLU B 286 -27.80 -3.77 -18.99
C GLU B 286 -26.92 -4.72 -19.77
N THR B 287 -25.72 -4.26 -20.09
CA THR B 287 -24.87 -4.98 -21.06
C THR B 287 -24.03 -6.04 -20.36
N ASN B 288 -23.97 -5.96 -19.03
CA ASN B 288 -23.11 -6.89 -18.26
C ASN B 288 -21.59 -6.75 -18.62
N SER B 289 -21.15 -5.55 -19.00
CA SER B 289 -19.72 -5.27 -19.19
C SER B 289 -18.99 -5.27 -17.83
N SER B 290 -17.69 -5.58 -17.86
CA SER B 290 -16.82 -5.55 -16.72
C SER B 290 -16.16 -4.19 -16.64
N VAL B 291 -15.90 -3.73 -15.41
CA VAL B 291 -15.09 -2.56 -15.13
C VAL B 291 -13.75 -3.05 -14.51
N ILE B 292 -12.62 -2.54 -14.99
CA ILE B 292 -11.35 -2.86 -14.38
C ILE B 292 -10.86 -1.67 -13.56
N HIS B 293 -10.83 -1.86 -12.25
CA HIS B 293 -10.56 -0.78 -11.31
C HIS B 293 -9.06 -0.67 -11.19
N CYS B 294 -8.49 0.54 -11.38
CA CYS B 294 -7.07 0.76 -11.18
C CYS B 294 -6.87 1.88 -10.13
N PRO B 295 -7.07 1.56 -8.84
CA PRO B 295 -7.12 2.68 -7.88
C PRO B 295 -5.84 3.48 -7.79
N GLU B 296 -4.68 2.82 -7.75
CA GLU B 296 -3.47 3.59 -7.53
C GLU B 296 -3.12 4.50 -8.69
N SER B 297 -3.29 3.99 -9.90
CA SER B 297 -3.07 4.78 -11.08
C SER B 297 -4.02 6.02 -11.13
N ASN B 298 -5.30 5.79 -10.85
CA ASN B 298 -6.28 6.88 -10.81
C ASN B 298 -5.94 7.93 -9.73
N LEU B 299 -5.33 7.47 -8.62
CA LEU B 299 -4.89 8.40 -7.55
C LEU B 299 -3.66 9.14 -8.04
N LYS B 300 -2.70 8.39 -8.59
CA LYS B 300 -1.44 8.97 -8.93
C LYS B 300 -1.51 10.06 -10.03
N LEU B 301 -2.35 9.83 -11.04
CA LEU B 301 -2.55 10.78 -12.12
C LEU B 301 -3.62 11.81 -11.77
N ALA B 302 -4.14 11.70 -10.55
CA ALA B 302 -5.22 12.60 -10.13
C ALA B 302 -6.38 12.49 -11.14
N SER B 303 -6.73 11.25 -11.49
CA SER B 303 -7.84 10.97 -12.42
C SER B 303 -9.17 10.91 -11.68
N GLY B 304 -9.17 10.42 -10.45
CA GLY B 304 -10.40 10.43 -9.64
C GLY B 304 -10.56 9.13 -8.89
N PHE B 305 -11.81 8.82 -8.57
CA PHE B 305 -12.13 7.74 -7.68
C PHE B 305 -13.21 6.92 -8.36
N CYS B 306 -12.90 5.70 -8.76
CA CYS B 306 -13.91 4.82 -9.34
C CYS B 306 -14.83 4.42 -8.18
N PRO B 307 -16.15 4.56 -8.36
CA PRO B 307 -17.14 4.25 -7.32
C PRO B 307 -17.44 2.77 -7.20
N VAL B 308 -16.49 2.02 -6.62
CA VAL B 308 -16.50 0.57 -6.69
C VAL B 308 -17.75 -0.06 -6.03
N GLU B 309 -18.04 0.30 -4.78
CA GLU B 309 -19.18 -0.26 -4.05
C GLU B 309 -20.51 -0.02 -4.82
N LYS B 310 -20.69 1.17 -5.36
CA LYS B 310 -21.88 1.50 -6.13
C LYS B 310 -22.02 0.55 -7.31
N LEU B 311 -20.94 0.37 -8.07
CA LEU B 311 -20.96 -0.53 -9.19
C LEU B 311 -21.29 -1.94 -8.71
N TRP B 312 -20.68 -2.34 -7.60
CA TRP B 312 -20.78 -3.68 -7.08
C TRP B 312 -22.20 -3.98 -6.65
N GLN B 313 -22.77 -3.10 -5.82
CA GLN B 313 -24.18 -3.17 -5.43
C GLN B 313 -25.15 -3.29 -6.62
N ALA B 314 -24.85 -2.63 -7.74
CA ALA B 314 -25.70 -2.71 -8.96
C ALA B 314 -25.47 -3.99 -9.76
N GLY B 315 -24.51 -4.82 -9.33
CA GLY B 315 -24.28 -6.08 -10.00
C GLY B 315 -23.22 -6.06 -11.11
N VAL B 316 -22.52 -4.94 -11.29
CA VAL B 316 -21.46 -4.85 -12.31
C VAL B 316 -20.26 -5.67 -11.84
N ASN B 317 -19.70 -6.44 -12.76
CA ASN B 317 -18.47 -7.18 -12.44
C ASN B 317 -17.25 -6.22 -12.43
N VAL B 318 -16.56 -6.16 -11.29
CA VAL B 318 -15.48 -5.22 -11.11
C VAL B 318 -14.21 -6.01 -10.76
N ALA B 319 -13.27 -6.00 -11.71
CA ALA B 319 -11.99 -6.67 -11.51
C ALA B 319 -10.95 -5.61 -11.11
N ILE B 320 -9.70 -6.02 -10.90
CA ILE B 320 -8.67 -5.05 -10.56
C ILE B 320 -7.38 -5.17 -11.38
N GLY B 321 -6.71 -4.04 -11.64
CA GLY B 321 -5.43 -4.10 -12.36
C GLY B 321 -4.43 -3.11 -11.78
N THR B 322 -3.14 -3.31 -12.08
CA THR B 322 -2.09 -2.42 -11.55
C THR B 322 -1.83 -1.25 -12.46
N ASP B 323 -2.26 -1.38 -13.72
CA ASP B 323 -1.80 -0.45 -14.77
C ASP B 323 -0.30 -0.62 -15.03
N GLY B 324 0.35 0.35 -15.69
CA GLY B 324 1.81 0.26 -15.99
C GLY B 324 2.69 0.79 -14.85
N ALA B 325 3.95 0.42 -14.82
CA ALA B 325 4.85 0.88 -13.77
C ALA B 325 5.31 2.36 -13.89
N ALA B 326 4.84 3.10 -14.88
CA ALA B 326 5.13 4.54 -14.91
C ALA B 326 3.98 5.33 -14.30
N SER B 327 2.90 4.63 -13.92
CA SER B 327 1.81 5.33 -13.22
C SER B 327 1.27 4.45 -12.07
N ASN B 328 2.20 3.85 -11.30
CA ASN B 328 1.83 3.11 -10.11
C ASN B 328 2.68 3.30 -8.81
N ASN B 329 3.93 2.88 -8.75
CA ASN B 329 4.75 2.41 -9.89
C ASN B 329 5.20 0.97 -9.71
N ASP B 330 4.46 0.15 -8.95
CA ASP B 330 4.86 -1.28 -8.86
C ASP B 330 3.82 -2.14 -9.59
N LEU B 331 4.11 -3.43 -9.71
CA LEU B 331 3.13 -4.35 -10.24
C LEU B 331 2.58 -5.25 -9.16
N ASP B 332 2.20 -4.63 -8.03
CA ASP B 332 1.80 -5.36 -6.86
C ASP B 332 0.26 -5.40 -6.82
N LEU B 333 -0.31 -6.52 -7.24
CA LEU B 333 -1.76 -6.67 -7.22
C LEU B 333 -2.33 -6.85 -5.82
N LEU B 334 -1.62 -7.58 -4.96
CA LEU B 334 -2.07 -7.64 -3.57
C LEU B 334 -2.18 -6.21 -2.95
N GLY B 335 -1.15 -5.38 -3.16
CA GLY B 335 -1.15 -4.00 -2.67
C GLY B 335 -2.26 -3.14 -3.27
N GLU B 336 -2.49 -3.30 -4.57
CA GLU B 336 -3.52 -2.59 -5.29
C GLU B 336 -4.86 -2.97 -4.66
N THR B 337 -5.00 -4.25 -4.32
CA THR B 337 -6.26 -4.75 -3.77
C THR B 337 -6.56 -4.17 -2.39
N ARG B 338 -5.51 -4.07 -1.57
CA ARG B 338 -5.62 -3.42 -0.25
C ARG B 338 -6.00 -1.94 -0.41
N THR B 339 -5.27 -1.24 -1.29
CA THR B 339 -5.60 0.16 -1.58
C THR B 339 -7.08 0.25 -1.98
N ALA B 340 -7.53 -0.68 -2.83
CA ALA B 340 -8.95 -0.62 -3.29
C ALA B 340 -9.91 -0.86 -2.14
N ALA B 341 -9.57 -1.82 -1.26
CA ALA B 341 -10.47 -2.21 -0.16
C ALA B 341 -10.59 -1.05 0.83
N LEU B 342 -9.48 -0.33 1.05
CA LEU B 342 -9.49 0.83 1.97
C LEU B 342 -10.28 1.99 1.35
N LEU B 343 -9.97 2.28 0.10
CA LEU B 343 -10.49 3.44 -0.60
C LEU B 343 -11.99 3.35 -0.74
N ALA B 344 -12.47 2.13 -0.98
CA ALA B 344 -13.86 1.94 -1.38
C ALA B 344 -14.79 2.32 -0.23
N LYS B 345 -14.34 2.08 0.99
CA LYS B 345 -15.12 2.42 2.19
C LYS B 345 -15.42 3.91 2.32
N ALA B 346 -14.39 4.72 2.09
CA ALA B 346 -14.48 6.16 2.26
C ALA B 346 -15.13 6.79 1.07
N VAL B 347 -14.86 6.24 -0.12
CA VAL B 347 -15.51 6.77 -1.33
C VAL B 347 -17.00 6.58 -1.23
N TYR B 348 -17.40 5.41 -0.78
CA TYR B 348 -18.79 5.08 -0.68
C TYR B 348 -19.41 5.65 0.61
N GLY B 349 -18.59 5.90 1.61
CA GLY B 349 -19.07 6.45 2.88
C GLY B 349 -19.58 5.39 3.84
N GLN B 350 -19.14 4.15 3.69
CA GLN B 350 -19.54 3.09 4.63
C GLN B 350 -18.39 2.16 4.90
N ALA B 351 -18.12 1.89 6.17
CA ALA B 351 -16.98 1.02 6.58
C ALA B 351 -17.14 -0.45 6.17
N THR B 352 -18.37 -0.81 5.77
CA THR B 352 -18.72 -2.14 5.34
C THR B 352 -18.46 -2.39 3.86
N ALA B 353 -18.12 -1.35 3.11
CA ALA B 353 -17.89 -1.51 1.65
C ALA B 353 -16.65 -2.40 1.34
N LEU B 354 -16.71 -3.16 0.24
CA LEU B 354 -15.64 -4.02 -0.25
C LEU B 354 -14.79 -4.66 0.87
N ASP B 355 -15.38 -5.57 1.63
CA ASP B 355 -14.68 -6.24 2.74
C ASP B 355 -13.60 -7.16 2.14
N ALA B 356 -12.76 -7.74 3.02
CA ALA B 356 -11.58 -8.52 2.57
C ALA B 356 -11.95 -9.66 1.62
N HIS B 357 -12.97 -10.44 1.97
CA HIS B 357 -13.49 -11.48 1.09
C HIS B 357 -13.89 -11.01 -0.29
N ARG B 358 -14.66 -9.93 -0.38
CA ARG B 358 -15.01 -9.42 -1.69
C ARG B 358 -13.74 -8.84 -2.43
N ALA B 359 -12.83 -8.26 -1.66
CA ALA B 359 -11.61 -7.67 -2.22
C ALA B 359 -10.77 -8.79 -2.83
N LEU B 360 -10.67 -9.92 -2.12
CA LEU B 360 -9.98 -11.06 -2.71
C LEU B 360 -10.69 -11.59 -3.96
N ARG B 361 -12.03 -11.59 -3.95
CA ARG B 361 -12.80 -12.05 -5.09
C ARG B 361 -12.57 -11.14 -6.30
N MET B 362 -12.53 -9.83 -6.09
CA MET B 362 -12.19 -8.85 -7.11
C MET B 362 -10.82 -9.19 -7.77
N ALA B 363 -9.85 -9.54 -6.92
CA ALA B 363 -8.46 -9.91 -7.36
C ALA B 363 -8.32 -11.27 -8.04
N THR B 364 -9.37 -12.11 -7.98
CA THR B 364 -9.30 -13.50 -8.43
C THR B 364 -10.42 -13.86 -9.44
N LEU B 365 -11.55 -14.33 -8.91
CA LEU B 365 -12.75 -14.65 -9.67
C LEU B 365 -13.25 -13.54 -10.60
N ASN B 366 -13.35 -12.29 -10.13
CA ASN B 366 -13.87 -11.21 -11.00
C ASN B 366 -12.91 -10.91 -12.16
N GLY B 367 -11.61 -11.09 -11.92
CA GLY B 367 -10.61 -10.95 -13.00
C GLY B 367 -10.83 -12.03 -14.03
N ALA B 368 -10.98 -13.27 -13.56
CA ALA B 368 -11.24 -14.38 -14.48
C ALA B 368 -12.53 -14.09 -15.28
N ARG B 369 -13.57 -13.63 -14.59
CA ARG B 369 -14.79 -13.30 -15.30
C ARG B 369 -14.51 -12.22 -16.33
N ALA B 370 -13.76 -11.18 -15.95
CA ALA B 370 -13.51 -10.07 -16.87
C ALA B 370 -12.81 -10.55 -18.14
N LEU B 371 -11.91 -11.53 -17.99
CA LEU B 371 -11.15 -12.01 -19.10
C LEU B 371 -11.81 -13.20 -19.85
N GLY B 372 -13.01 -13.60 -19.43
CA GLY B 372 -13.69 -14.75 -19.99
C GLY B 372 -13.09 -16.09 -19.59
N LEU B 373 -12.47 -16.16 -18.42
CA LEU B 373 -11.80 -17.39 -17.98
C LEU B 373 -12.42 -18.02 -16.74
N GLU B 374 -13.61 -17.58 -16.34
CA GLU B 374 -14.22 -18.00 -15.07
C GLU B 374 -14.43 -19.52 -14.97
N ARG B 375 -14.45 -20.19 -16.11
CA ARG B 375 -14.66 -21.62 -16.09
C ARG B 375 -13.34 -22.37 -15.94
N LEU B 376 -12.22 -21.70 -16.23
CA LEU B 376 -10.89 -22.28 -16.06
C LEU B 376 -10.22 -21.94 -14.74
N ILE B 377 -10.34 -20.69 -14.31
CA ILE B 377 -9.55 -20.17 -13.17
C ILE B 377 -10.40 -19.33 -12.23
N GLY B 378 -9.85 -18.95 -11.07
CA GLY B 378 -10.50 -17.87 -10.26
C GLY B 378 -11.12 -18.35 -8.95
N SER B 379 -11.31 -19.67 -8.82
CA SER B 379 -11.78 -20.29 -7.60
C SER B 379 -11.17 -21.66 -7.52
N LEU B 380 -11.18 -22.24 -6.32
CA LEU B 380 -10.57 -23.56 -6.06
C LEU B 380 -11.61 -24.69 -6.16
N GLU B 381 -12.20 -24.85 -7.35
CA GLU B 381 -13.24 -25.84 -7.56
C GLU B 381 -12.67 -26.96 -8.38
N ALA B 382 -13.06 -28.19 -8.04
CA ALA B 382 -12.61 -29.37 -8.77
C ALA B 382 -12.81 -29.15 -10.26
N GLY B 383 -11.79 -29.44 -11.07
CA GLY B 383 -11.94 -29.34 -12.51
C GLY B 383 -11.34 -28.09 -13.08
N LYS B 384 -11.24 -27.03 -12.27
CA LYS B 384 -10.59 -25.81 -12.72
C LYS B 384 -9.08 -26.06 -12.78
N ALA B 385 -8.40 -25.29 -13.63
CA ALA B 385 -6.92 -25.24 -13.66
C ALA B 385 -6.31 -24.94 -12.26
N ALA B 386 -5.20 -25.60 -11.93
CA ALA B 386 -4.55 -25.38 -10.66
C ALA B 386 -3.63 -24.13 -10.74
N ASP B 387 -4.24 -22.95 -10.85
CA ASP B 387 -3.56 -21.64 -10.76
C ASP B 387 -3.68 -21.19 -9.32
N LEU B 388 -2.61 -21.36 -8.57
CA LEU B 388 -2.65 -21.24 -7.11
C LEU B 388 -1.52 -20.38 -6.60
N VAL B 389 -1.74 -19.78 -5.44
CA VAL B 389 -0.77 -18.99 -4.74
C VAL B 389 -0.85 -19.34 -3.28
N ALA B 390 0.32 -19.59 -2.68
CA ALA B 390 0.37 -19.82 -1.26
C ALA B 390 0.99 -18.61 -0.60
N PHE B 391 0.25 -18.03 0.36
CA PHE B 391 0.72 -16.88 1.16
C PHE B 391 1.11 -17.30 2.55
N ASP B 392 2.25 -16.80 3.02
CA ASP B 392 2.73 -17.12 4.34
C ASP B 392 2.24 -16.08 5.34
N LEU B 393 1.50 -16.53 6.36
CA LEU B 393 0.96 -15.62 7.36
C LEU B 393 1.54 -15.91 8.73
N SER B 394 2.69 -16.58 8.77
CA SER B 394 3.36 -16.96 10.03
C SER B 394 4.35 -15.90 10.51
N GLY B 395 4.52 -14.79 9.75
CA GLY B 395 5.46 -13.72 10.13
C GLY B 395 5.02 -12.83 11.30
N LEU B 396 5.99 -12.19 11.94
CA LEU B 396 5.75 -11.46 13.16
C LEU B 396 4.64 -10.39 12.99
N ALA B 397 4.71 -9.61 11.89
CA ALA B 397 3.75 -8.52 11.59
C ALA B 397 2.32 -8.99 11.25
N GLN B 398 2.15 -10.30 10.99
CA GLN B 398 0.84 -10.85 10.70
C GLN B 398 0.18 -11.50 11.93
N GLN B 399 0.86 -11.47 13.08
CA GLN B 399 0.34 -12.07 14.32
C GLN B 399 -0.33 -11.04 15.20
N PRO B 400 -1.36 -11.44 15.95
CA PRO B 400 -1.97 -12.76 15.88
C PRO B 400 -2.94 -12.80 14.72
N VAL B 401 -3.23 -13.99 14.19
CA VAL B 401 -4.19 -14.11 13.09
C VAL B 401 -5.57 -14.51 13.65
N TYR B 402 -6.51 -13.57 13.62
CA TYR B 402 -7.91 -13.90 13.95
C TYR B 402 -8.66 -14.37 12.74
N ASP B 403 -8.32 -13.84 11.57
CA ASP B 403 -8.98 -14.17 10.32
C ASP B 403 -7.88 -14.01 9.27
N PRO B 404 -7.51 -15.10 8.61
CA PRO B 404 -6.40 -15.11 7.64
C PRO B 404 -6.67 -14.25 6.42
N VAL B 405 -7.93 -14.21 5.95
CA VAL B 405 -8.28 -13.39 4.78
C VAL B 405 -8.22 -11.90 5.10
N SER B 406 -8.69 -11.53 6.28
CA SER B 406 -8.47 -10.17 6.77
C SER B 406 -6.97 -9.84 6.82
N GLN B 407 -6.18 -10.75 7.36
CA GLN B 407 -4.75 -10.51 7.50
C GLN B 407 -4.09 -10.41 6.11
N LEU B 408 -4.56 -11.21 5.18
CA LEU B 408 -4.04 -11.12 3.83
C LEU B 408 -4.26 -9.73 3.26
N ILE B 409 -5.50 -9.26 3.34
CA ILE B 409 -5.86 -8.02 2.63
C ILE B 409 -5.33 -6.78 3.33
N TYR B 410 -5.47 -6.73 4.65
CA TYR B 410 -5.16 -5.51 5.37
C TYR B 410 -3.83 -5.51 6.08
N ALA B 411 -3.14 -6.66 6.15
CA ALA B 411 -1.87 -6.61 6.85
C ALA B 411 -0.73 -7.45 6.31
N SER B 412 -0.77 -7.88 5.05
CA SER B 412 0.33 -8.70 4.49
C SER B 412 0.85 -8.01 3.24
N GLY B 413 2.16 -8.06 3.03
CA GLY B 413 2.71 -7.60 1.77
C GLY B 413 2.95 -8.72 0.76
N ARG B 414 3.22 -8.34 -0.48
CA ARG B 414 3.43 -9.30 -1.53
C ARG B 414 4.67 -10.13 -1.22
N ASP B 415 5.51 -9.66 -0.30
CA ASP B 415 6.68 -10.50 0.06
C ASP B 415 6.28 -11.77 0.82
N CYS B 416 5.03 -11.88 1.31
CA CYS B 416 4.52 -13.10 1.97
CA CYS B 416 4.65 -13.12 1.99
C CYS B 416 4.26 -14.24 1.01
N VAL B 417 4.24 -13.93 -0.29
CA VAL B 417 4.02 -14.93 -1.33
C VAL B 417 5.20 -15.93 -1.38
N ARG B 418 4.93 -17.23 -1.20
CA ARG B 418 6.02 -18.22 -1.16
C ARG B 418 6.01 -19.10 -2.38
N HIS B 419 4.81 -19.52 -2.79
CA HIS B 419 4.67 -20.47 -3.87
C HIS B 419 3.60 -20.08 -4.83
N VAL B 420 3.80 -20.41 -6.10
CA VAL B 420 2.82 -20.07 -7.10
C VAL B 420 2.84 -21.21 -8.14
N TRP B 421 1.65 -21.69 -8.53
CA TRP B 421 1.53 -22.64 -9.65
C TRP B 421 0.62 -22.10 -10.68
N VAL B 422 0.92 -22.42 -11.94
CA VAL B 422 0.00 -22.15 -13.04
C VAL B 422 -0.21 -23.44 -13.81
N GLY B 423 -1.49 -23.83 -13.94
CA GLY B 423 -1.86 -25.07 -14.63
C GLY B 423 -1.17 -26.24 -13.97
N GLY B 424 -1.00 -26.15 -12.66
CA GLY B 424 -0.26 -27.12 -11.88
C GLY B 424 1.26 -27.09 -11.98
N ARG B 425 1.85 -26.27 -12.85
CA ARG B 425 3.34 -26.19 -12.93
C ARG B 425 3.80 -25.14 -11.93
N GLN B 426 4.73 -25.50 -11.05
CA GLN B 426 5.23 -24.55 -10.07
C GLN B 426 6.18 -23.51 -10.67
N LEU B 427 5.85 -22.22 -10.53
CA LEU B 427 6.69 -21.15 -11.09
C LEU B 427 7.47 -20.42 -10.00
N LEU B 428 7.07 -20.61 -8.76
CA LEU B 428 7.73 -19.94 -7.67
C LEU B 428 7.80 -20.92 -6.56
N ASP B 429 9.01 -21.12 -6.05
CA ASP B 429 9.26 -22.06 -4.99
C ASP B 429 9.97 -21.35 -3.84
N ASP B 430 9.29 -21.18 -2.70
CA ASP B 430 9.85 -20.46 -1.57
C ASP B 430 10.50 -19.13 -2.02
N GLY B 431 9.81 -18.38 -2.87
CA GLY B 431 10.20 -17.03 -3.21
C GLY B 431 11.16 -17.03 -4.38
N ARG B 432 11.52 -18.20 -4.91
CA ARG B 432 12.52 -18.28 -6.02
C ARG B 432 11.80 -18.58 -7.33
N LEU B 433 12.03 -17.73 -8.32
CA LEU B 433 11.43 -17.90 -9.66
C LEU B 433 12.10 -19.06 -10.39
N LEU B 434 11.30 -20.05 -10.82
CA LEU B 434 11.86 -21.23 -11.49
C LEU B 434 12.14 -21.05 -12.98
N ARG B 435 11.53 -20.05 -13.61
CA ARG B 435 11.62 -19.88 -15.06
C ARG B 435 12.31 -18.61 -15.51
N HIS B 436 12.97 -17.91 -14.59
CA HIS B 436 13.58 -16.61 -14.86
C HIS B 436 14.83 -16.52 -14.09
N ASP B 437 15.79 -15.74 -14.59
CA ASP B 437 17.05 -15.50 -13.89
C ASP B 437 17.04 -14.06 -13.38
N GLU B 438 16.73 -13.90 -12.09
CA GLU B 438 16.55 -12.53 -11.53
C GLU B 438 17.78 -11.74 -11.72
N GLN B 439 18.94 -12.35 -11.42
CA GLN B 439 20.21 -11.65 -11.63
C GLN B 439 20.41 -11.18 -13.06
N ARG B 440 20.08 -12.00 -14.06
CA ARG B 440 20.19 -11.53 -15.44
C ARG B 440 19.18 -10.44 -15.79
N LEU B 441 17.94 -10.59 -15.31
CA LEU B 441 16.92 -9.56 -15.59
C LEU B 441 17.28 -8.17 -15.03
N ILE B 442 17.84 -8.16 -13.83
CA ILE B 442 18.27 -6.94 -13.17
C ILE B 442 19.39 -6.31 -13.99
N ALA B 443 20.39 -7.12 -14.36
CA ALA B 443 21.48 -6.56 -15.19
C ALA B 443 20.90 -5.98 -16.46
N ARG B 444 19.96 -6.69 -17.07
CA ARG B 444 19.31 -6.17 -18.28
C ARG B 444 18.49 -4.89 -18.08
N ALA B 445 17.60 -4.90 -17.08
CA ALA B 445 16.84 -3.67 -16.73
C ALA B 445 17.77 -2.49 -16.57
N ARG B 446 18.90 -2.76 -15.93
CA ARG B 446 19.88 -1.74 -15.58
C ARG B 446 20.51 -1.16 -16.84
N GLU B 447 20.92 -2.04 -17.75
CA GLU B 447 21.40 -1.62 -19.06
C GLU B 447 20.36 -0.73 -19.71
N TRP B 448 19.10 -1.15 -19.72
CA TRP B 448 18.05 -0.29 -20.31
C TRP B 448 17.96 1.04 -19.62
N GLY B 449 17.97 1.05 -18.28
CA GLY B 449 17.86 2.28 -17.53
C GLY B 449 18.95 3.33 -17.83
N ALA B 450 20.18 2.88 -17.97
CA ALA B 450 21.30 3.78 -18.29
C ALA B 450 21.16 4.36 -19.72
N LYS B 451 20.75 3.54 -20.70
CA LYS B 451 20.56 4.04 -22.06
C LYS B 451 19.44 5.05 -22.08
N ILE B 452 18.33 4.77 -21.40
CA ILE B 452 17.16 5.70 -21.40
C ILE B 452 17.45 6.96 -20.60
N ALA B 453 18.19 6.79 -19.49
CA ALA B 453 18.62 7.91 -18.64
C ALA B 453 19.64 8.83 -19.32
N ALA B 454 20.68 8.27 -19.93
CA ALA B 454 21.71 9.06 -20.64
C ALA B 454 21.15 10.00 -21.72
O8 MCF C . -7.51 6.69 15.79
C8 MCF C . -8.52 5.65 15.94
C7 MCF C . -9.99 6.11 15.95
N6 MCF C . -10.15 7.28 16.76
C5 MCF C . -10.20 7.26 18.10
N4 MCF C . -9.57 6.45 18.88
C10 MCF C . -8.76 5.38 18.57
C9 MCF C . -8.29 4.99 17.23
N1 MCF C . -7.57 3.86 17.46
C2 MCF C . -7.61 3.58 18.80
N3 MCF C . -8.34 4.51 19.46
C1S MCF C . -8.63 4.49 20.91
C2S MCF C . -7.96 3.31 21.60
O2S MCF C . -8.68 2.11 21.40
O4S MCF C . -8.02 5.61 21.50
C4S MCF C . -7.56 5.26 22.80
C3S MCF C . -7.84 3.79 23.03
O3S MCF C . -9.10 3.52 23.64
C5S MCF C . -6.16 5.82 23.05
S5S MCF C . -6.09 6.37 24.71
C6S MCF C . -6.15 8.12 24.63
ZN ZN D . -5.63 6.86 17.00
ZN ZN E . -0.91 0.15 6.58
P PO4 F . 8.97 -5.33 -2.50
O1 PO4 F . 9.29 -4.83 -3.92
O2 PO4 F . 9.50 -6.75 -2.30
O3 PO4 F . 9.66 -4.29 -1.59
O4 PO4 F . 7.47 -5.45 -2.20
O8 MCF G . -3.93 3.65 -17.92
C8 MCF G . -2.93 4.68 -18.11
C7 MCF G . -3.47 6.07 -18.45
N6 MCF G . -4.41 5.88 -19.52
C5 MCF G . -4.10 5.75 -20.83
N4 MCF G . -3.11 5.12 -21.31
C10 MCF G . -2.11 4.48 -20.63
C9 MCF G . -2.03 4.29 -19.19
N1 MCF G . -0.88 3.64 -19.05
C2 MCF G . -0.32 3.43 -20.26
N3 MCF G . -1.08 3.94 -21.22
C1S MCF G . -0.76 3.96 -22.66
C2S MCF G . 0.65 3.44 -22.94
O2S MCF G . 1.69 4.39 -22.67
O4S MCF G . -1.62 3.10 -23.37
C4S MCF G . -0.86 2.53 -24.44
C3S MCF G . 0.56 3.08 -24.41
O3S MCF G . 0.75 4.24 -25.23
C5S MCF G . -0.94 1.01 -24.45
S5S MCF G . -1.89 0.70 -25.88
C6S MCF G . -3.48 1.05 -25.29
ZN ZN H . -3.71 1.53 -18.71
ZN ZN I . 1.04 -0.38 -6.51
P PO4 J . 5.26 -7.67 5.37
O1 PO4 J . 5.27 -6.22 4.84
O2 PO4 J . 4.37 -8.55 4.45
O3 PO4 J . 6.70 -8.18 5.40
O4 PO4 J . 4.73 -7.85 6.80
#